data_4UMK
#
_entry.id   4UMK
#
_cell.length_a   54.475
_cell.length_b   232.731
_cell.length_c   78.342
_cell.angle_alpha   90.00
_cell.angle_beta   109.15
_cell.angle_gamma   90.00
#
_symmetry.space_group_name_H-M   'P 1 21 1'
#
loop_
_entity.id
_entity.type
_entity.pdbx_description
1 polymer 'PROBABLE CHROMOSOME-PARTITIONING PROTEIN PARB'
2 polymer DNA
3 polymer DNA
4 non-polymer 'SULFATE ION'
5 water water
#
loop_
_entity_poly.entity_id
_entity_poly.type
_entity_poly.pdbx_seq_one_letter_code
_entity_poly.pdbx_strand_id
1 'polypeptide(L)'
;MAKNKVLGRGLADIFPEINEVYEQGLYERANRVVELGIDEVMPNPYQPRKVFSEDSLEELAQSIKEHGLLQPVLVVSENG
RYHLIAGERRLRASKLAKMPTIKAIVVDIEQEKMREVALIENIQREDLNPLELARSYKELLESYQMTQEELSKIVKKSRA
HVANIMRLLTLSSKVQNALLEEKITSGHAKVLVGLDGEKQELILNSIIGQKLSVRQTEDLARDFKINANFDNKKHGFKQT
;
A,B,C,D
2 'polydeoxyribonucleotide'
;(DA)(DG)(DG)(DG)(DT)(DG)(DT)(DT)(DC)(DC)(DA)(DC)(DG)(DT)(DG)(DA)(DA)(DA)(DC)(DA)
(DG)(DG)(DG)(DA)
;
W,Z
3 'polydeoxyribonucleotide'
;(DT)(DC)(DC)(DC)(DT)(DG)(DT)(DT)(DT)(DC)(DA)(DC)(DG)(DT)(DG)(DG)(DA)(DA)(DC)(DA)
(DC)(DC)(DC)(DT)
;
X,Y
#
loop_
_chem_comp.id
_chem_comp.type
_chem_comp.name
_chem_comp.formula
DA DNA linking 2'-DEOXYADENOSINE-5'-MONOPHOSPHATE 'C10 H14 N5 O6 P'
DC DNA linking 2'-DEOXYCYTIDINE-5'-MONOPHOSPHATE 'C9 H14 N3 O7 P'
DG DNA linking 2'-DEOXYGUANOSINE-5'-MONOPHOSPHATE 'C10 H14 N5 O7 P'
DT DNA linking THYMIDINE-5'-MONOPHOSPHATE 'C10 H15 N2 O8 P'
SO4 non-polymer 'SULFATE ION' 'O4 S -2'
#
# COMPACT_ATOMS: atom_id res chain seq x y z
N ASP A 55 -8.83 -11.09 -6.42
CA ASP A 55 -9.06 -12.32 -7.16
C ASP A 55 -8.13 -12.41 -8.36
N SER A 56 -8.29 -13.48 -9.14
CA SER A 56 -7.42 -13.80 -10.28
C SER A 56 -7.18 -12.66 -11.26
N LEU A 57 -8.23 -11.90 -11.56
CA LEU A 57 -8.17 -10.84 -12.57
C LEU A 57 -7.20 -9.74 -12.13
N GLU A 58 -7.37 -9.29 -10.88
CA GLU A 58 -6.53 -8.27 -10.27
C GLU A 58 -5.11 -8.79 -10.14
N GLU A 59 -5.00 -10.12 -10.06
CA GLU A 59 -3.72 -10.78 -9.89
C GLU A 59 -2.92 -10.83 -11.20
N LEU A 60 -3.62 -11.02 -12.32
CA LEU A 60 -2.98 -10.85 -13.63
C LEU A 60 -2.67 -9.37 -13.84
N ALA A 61 -3.52 -8.50 -13.27
CA ALA A 61 -3.40 -7.06 -13.48
C ALA A 61 -2.04 -6.52 -13.07
N GLN A 62 -1.68 -6.68 -11.80
CA GLN A 62 -0.45 -6.06 -11.35
C GLN A 62 0.75 -6.86 -11.83
N SER A 63 0.45 -8.06 -12.31
CA SER A 63 1.46 -8.90 -12.91
C SER A 63 2.02 -8.27 -14.18
N ILE A 64 1.16 -8.02 -15.17
CA ILE A 64 1.62 -7.37 -16.41
C ILE A 64 2.25 -6.02 -16.08
N LYS A 65 1.52 -5.21 -15.31
CA LYS A 65 1.94 -3.84 -15.02
C LYS A 65 3.27 -3.81 -14.27
N GLU A 66 4.22 -3.05 -14.81
CA GLU A 66 5.55 -2.81 -14.23
C GLU A 66 5.52 -2.63 -12.71
N HIS A 67 4.58 -1.83 -12.24
CA HIS A 67 4.55 -1.31 -10.86
C HIS A 67 4.78 -2.33 -9.76
N GLY A 68 4.49 -3.60 -10.11
CA GLY A 68 4.02 -4.56 -9.14
C GLY A 68 3.22 -3.80 -8.11
N LEU A 69 3.77 -3.72 -6.94
CA LEU A 69 3.24 -2.76 -6.02
C LEU A 69 3.50 -1.36 -6.57
N LEU A 70 2.46 -0.77 -7.14
CA LEU A 70 2.52 0.60 -7.60
C LEU A 70 2.96 1.43 -6.42
N GLN A 71 2.65 0.94 -5.24
CA GLN A 71 3.23 1.43 -4.03
C GLN A 71 3.67 0.21 -3.24
N PRO A 72 5.00 0.09 -3.04
CA PRO A 72 5.66 -1.10 -2.49
C PRO A 72 4.96 -1.64 -1.24
N VAL A 73 5.19 -2.90 -0.90
CA VAL A 73 4.63 -3.46 0.33
C VAL A 73 5.46 -3.04 1.53
N LEU A 74 5.03 -3.44 2.71
CA LEU A 74 5.73 -3.07 3.93
C LEU A 74 6.02 -4.32 4.73
N VAL A 75 7.29 -4.59 5.02
CA VAL A 75 7.66 -5.74 5.83
C VAL A 75 8.56 -5.31 6.98
N VAL A 76 8.87 -6.26 7.84
CA VAL A 76 9.88 -6.09 8.86
C VAL A 76 11.03 -7.06 8.61
N SER A 77 12.22 -6.68 9.06
CA SER A 77 13.39 -7.55 9.02
C SER A 77 13.73 -8.04 10.44
N GLU A 78 13.64 -9.35 10.65
CA GLU A 78 13.93 -9.98 11.94
C GLU A 78 15.41 -9.84 12.32
N ASN A 79 16.24 -9.37 11.38
CA ASN A 79 17.71 -9.43 11.44
C ASN A 79 18.15 -10.85 11.09
N GLY A 80 17.17 -11.67 10.74
CA GLY A 80 17.38 -13.02 10.26
C GLY A 80 16.34 -13.40 9.23
N ARG A 81 15.11 -12.93 9.42
CA ARG A 81 14.02 -13.24 8.50
C ARG A 81 13.16 -12.02 8.19
N TYR A 82 12.26 -12.18 7.22
CA TYR A 82 11.39 -11.10 6.76
C TYR A 82 9.94 -11.45 6.97
N HIS A 83 9.19 -10.54 7.59
CA HIS A 83 7.75 -10.77 7.83
C HIS A 83 6.87 -9.61 7.31
N LEU A 84 5.68 -9.95 6.81
CA LEU A 84 4.86 -8.98 6.09
C LEU A 84 4.15 -7.93 6.95
N ILE A 85 3.76 -6.83 6.31
CA ILE A 85 2.74 -5.92 6.85
C ILE A 85 1.85 -5.44 5.68
N ALA A 86 0.62 -5.92 5.64
CA ALA A 86 -0.37 -5.50 4.67
C ALA A 86 0.06 -5.74 3.23
N GLY A 87 0.34 -6.99 2.90
CA GLY A 87 0.77 -7.29 1.55
C GLY A 87 0.14 -8.52 0.95
N GLU A 88 -0.73 -9.17 1.73
CA GLU A 88 -1.40 -10.40 1.30
C GLU A 88 -1.82 -10.32 -0.16
N ARG A 89 -2.47 -9.21 -0.49
CA ARG A 89 -2.89 -8.86 -1.83
C ARG A 89 -1.75 -8.91 -2.84
N ARG A 90 -0.78 -8.04 -2.59
CA ARG A 90 0.43 -7.88 -3.39
C ARG A 90 1.16 -9.19 -3.60
N LEU A 91 1.32 -9.94 -2.52
CA LEU A 91 2.15 -11.16 -2.50
C LEU A 91 1.46 -12.30 -3.24
N ARG A 92 0.30 -12.71 -2.71
CA ARG A 92 -0.51 -13.77 -3.30
C ARG A 92 -0.69 -13.49 -4.78
N ALA A 93 -0.98 -12.25 -5.12
CA ALA A 93 -1.03 -11.87 -6.53
C ALA A 93 0.33 -12.10 -7.19
N SER A 94 1.40 -11.78 -6.49
CA SER A 94 2.72 -11.83 -7.10
C SER A 94 3.36 -13.22 -7.12
N LYS A 95 2.54 -14.21 -6.81
CA LYS A 95 2.88 -15.59 -7.07
C LYS A 95 2.77 -15.90 -8.59
N LEU A 96 1.72 -15.40 -9.23
CA LEU A 96 1.61 -15.47 -10.68
C LEU A 96 2.75 -14.71 -11.36
N ALA A 97 3.20 -13.61 -10.76
CA ALA A 97 4.36 -12.95 -11.31
C ALA A 97 5.58 -13.75 -10.91
N LYS A 98 6.73 -13.25 -11.30
CA LYS A 98 7.85 -14.15 -11.35
C LYS A 98 8.95 -13.70 -10.43
N MET A 99 9.48 -14.65 -9.65
CA MET A 99 10.76 -14.46 -8.98
C MET A 99 10.49 -13.41 -7.89
N PRO A 100 11.50 -12.84 -7.21
CA PRO A 100 11.01 -12.41 -5.88
C PRO A 100 10.43 -11.00 -5.88
N THR A 101 10.72 -10.27 -6.93
CA THR A 101 10.07 -9.04 -7.35
C THR A 101 9.92 -7.84 -6.37
N ILE A 102 10.25 -8.02 -5.09
CA ILE A 102 10.60 -6.80 -4.35
C ILE A 102 12.15 -6.72 -4.18
N LYS A 103 12.68 -7.38 -3.14
CA LYS A 103 14.10 -7.70 -3.01
C LYS A 103 15.06 -6.53 -3.27
N ALA A 104 14.59 -5.36 -2.90
CA ALA A 104 15.36 -4.14 -3.04
C ALA A 104 14.69 -3.19 -2.06
N ILE A 105 15.31 -2.05 -1.78
CA ILE A 105 14.75 -1.11 -0.82
C ILE A 105 13.36 -0.65 -1.22
N VAL A 106 12.40 -1.13 -0.45
CA VAL A 106 11.02 -0.71 -0.57
C VAL A 106 10.61 -0.43 0.84
N VAL A 107 9.45 0.19 1.04
CA VAL A 107 9.01 0.52 2.37
C VAL A 107 9.04 -0.71 3.27
N ASP A 108 9.96 -0.68 4.24
CA ASP A 108 10.04 -1.74 5.23
C ASP A 108 10.68 -1.19 6.51
N ILE A 109 10.39 -1.86 7.62
CA ILE A 109 10.88 -1.45 8.91
C ILE A 109 11.98 -2.42 9.27
N GLU A 110 13.11 -1.89 9.75
CA GLU A 110 14.22 -2.75 10.17
C GLU A 110 14.45 -2.65 11.68
N GLN A 111 14.72 -3.78 12.32
CA GLN A 111 14.89 -3.80 13.77
C GLN A 111 16.28 -3.48 14.27
N GLU A 112 17.31 -4.08 13.67
CA GLU A 112 18.69 -3.77 14.04
C GLU A 112 18.92 -2.26 14.22
N LYS A 113 18.45 -1.48 13.26
CA LYS A 113 18.50 -0.02 13.34
C LYS A 113 17.85 0.44 14.64
N MET A 114 16.65 -0.07 14.90
CA MET A 114 15.85 0.33 16.05
C MET A 114 16.56 -0.06 17.35
N ARG A 115 17.44 -1.05 17.28
CA ARG A 115 18.23 -1.49 18.43
C ARG A 115 19.35 -0.52 18.65
N GLU A 116 20.06 -0.16 17.58
CA GLU A 116 21.08 0.86 17.66
C GLU A 116 20.46 2.08 18.32
N VAL A 117 19.27 2.47 17.86
CA VAL A 117 18.58 3.63 18.42
C VAL A 117 18.35 3.39 19.91
N ALA A 118 17.71 2.27 20.22
CA ALA A 118 17.41 1.88 21.59
C ALA A 118 18.61 2.01 22.54
N LEU A 119 19.79 1.66 22.06
CA LEU A 119 20.97 1.60 22.90
C LEU A 119 21.67 2.95 22.96
N ILE A 120 21.75 3.65 21.84
CA ILE A 120 22.33 4.99 21.83
C ILE A 120 21.53 5.85 22.77
N GLU A 121 20.20 5.68 22.74
CA GLU A 121 19.34 6.39 23.67
C GLU A 121 19.68 5.95 25.08
N ASN A 122 19.53 4.65 25.36
CA ASN A 122 19.74 4.17 26.71
C ASN A 122 21.13 4.45 27.23
N ILE A 123 22.11 4.43 26.34
CA ILE A 123 23.47 4.77 26.75
C ILE A 123 23.82 6.22 26.40
N GLN A 124 23.88 7.04 27.43
CA GLN A 124 24.45 8.36 27.28
C GLN A 124 25.53 8.59 28.34
N ARG A 125 26.70 9.01 27.89
CA ARG A 125 27.67 9.64 28.76
C ARG A 125 26.92 10.78 29.44
N GLU A 126 26.94 10.83 30.76
CA GLU A 126 26.19 11.87 31.46
C GLU A 126 26.83 13.27 31.31
N ASP A 127 26.89 13.77 30.09
CA ASP A 127 27.49 15.08 29.82
C ASP A 127 26.50 16.06 29.19
N LEU A 128 25.30 15.57 28.91
CA LEU A 128 24.27 16.35 28.23
C LEU A 128 23.50 17.28 29.16
N ASN A 129 23.13 18.44 28.63
CA ASN A 129 22.38 19.45 29.37
C ASN A 129 20.88 19.10 29.41
N PRO A 130 20.06 19.86 30.16
CA PRO A 130 18.76 19.22 30.43
C PRO A 130 17.87 19.06 29.20
N LEU A 131 18.25 19.71 28.11
CA LEU A 131 17.40 19.73 26.93
C LEU A 131 17.58 18.54 26.01
N GLU A 132 18.81 18.09 25.78
CA GLU A 132 18.97 16.85 25.01
C GLU A 132 18.60 15.69 25.90
N LEU A 133 18.79 15.87 27.22
CA LEU A 133 18.34 14.85 28.15
C LEU A 133 16.85 14.68 28.03
N ALA A 134 16.12 15.80 28.13
CA ALA A 134 14.68 15.81 27.96
C ALA A 134 14.28 15.22 26.62
N ARG A 135 15.06 15.56 25.60
CA ARG A 135 14.70 15.14 24.26
C ARG A 135 14.90 13.65 24.11
N SER A 136 15.84 13.09 24.86
CA SER A 136 16.10 11.66 24.87
C SER A 136 15.01 10.93 25.61
N TYR A 137 14.61 11.48 26.75
CA TYR A 137 13.51 10.90 27.53
C TYR A 137 12.28 10.87 26.66
N LYS A 138 11.97 11.99 26.03
CA LYS A 138 10.78 12.11 25.20
C LYS A 138 10.89 11.11 24.09
N GLU A 139 11.99 11.17 23.35
CA GLU A 139 12.29 10.24 22.26
C GLU A 139 12.05 8.79 22.63
N LEU A 140 12.47 8.41 23.84
CA LEU A 140 12.28 7.06 24.37
C LEU A 140 10.81 6.72 24.60
N LEU A 141 9.93 7.71 24.65
CA LEU A 141 8.50 7.46 24.76
C LEU A 141 7.74 8.08 23.58
N GLU A 142 8.47 8.70 22.66
CA GLU A 142 7.87 9.34 21.49
C GLU A 142 8.16 8.54 20.21
N SER A 143 9.44 8.22 19.99
CA SER A 143 9.84 7.42 18.82
C SER A 143 9.45 5.97 19.05
N TYR A 144 9.19 5.64 20.31
CA TYR A 144 8.57 4.39 20.67
C TYR A 144 7.61 4.77 21.77
N GLN A 145 6.60 3.96 22.04
CA GLN A 145 5.63 4.26 23.08
C GLN A 145 6.01 3.64 24.43
N MET A 146 6.27 4.48 25.43
CA MET A 146 6.67 4.02 26.77
C MET A 146 5.87 4.67 27.89
N THR A 147 5.71 3.99 29.02
CA THR A 147 5.14 4.61 30.20
C THR A 147 6.28 5.17 31.05
N GLN A 148 6.12 6.40 31.53
CA GLN A 148 7.18 7.13 32.25
C GLN A 148 7.82 6.36 33.40
N GLU A 149 7.02 5.60 34.11
CA GLU A 149 7.51 4.70 35.16
C GLU A 149 8.64 3.78 34.68
N GLU A 150 8.39 3.13 33.55
CA GLU A 150 9.31 2.14 33.01
C GLU A 150 10.65 2.82 32.80
N LEU A 151 10.61 3.96 32.14
CA LEU A 151 11.81 4.74 31.92
C LEU A 151 12.52 5.09 33.22
N SER A 152 11.74 5.50 34.23
CA SER A 152 12.32 5.84 35.53
C SER A 152 13.15 4.67 36.02
N LYS A 153 12.61 3.46 35.87
CA LYS A 153 13.33 2.23 36.20
C LYS A 153 14.62 2.05 35.38
N ILE A 154 14.56 2.33 34.08
CA ILE A 154 15.75 2.18 33.25
C ILE A 154 16.93 3.09 33.64
N VAL A 155 16.73 4.40 33.65
CA VAL A 155 17.81 5.36 33.89
C VAL A 155 18.12 5.62 35.38
N LYS A 156 17.48 4.86 36.28
CA LYS A 156 17.74 5.00 37.70
C LYS A 156 17.48 6.42 38.19
N LYS A 157 16.27 6.92 37.91
CA LYS A 157 15.75 8.18 38.47
C LYS A 157 14.30 7.89 38.87
N SER A 158 13.70 8.79 39.66
CA SER A 158 12.27 8.75 39.99
C SER A 158 11.40 9.19 38.84
N ARG A 159 10.15 8.75 38.86
CA ARG A 159 9.22 9.10 37.80
C ARG A 159 9.03 10.61 37.71
N ALA A 160 9.02 11.26 38.88
CA ALA A 160 8.87 12.71 38.95
C ALA A 160 9.98 13.39 38.16
N HIS A 161 11.23 13.06 38.46
CA HIS A 161 12.38 13.58 37.73
C HIS A 161 12.22 13.51 36.20
N VAL A 162 11.71 12.37 35.74
CA VAL A 162 11.46 12.15 34.33
C VAL A 162 10.41 13.14 33.81
N ALA A 163 9.31 13.24 34.55
CA ALA A 163 8.25 14.16 34.19
C ALA A 163 8.78 15.58 34.02
N ASN A 164 9.25 16.18 35.11
CA ASN A 164 9.81 17.54 35.11
C ASN A 164 10.88 17.80 34.05
N ILE A 165 11.76 16.83 33.87
CA ILE A 165 12.73 16.94 32.80
C ILE A 165 12.04 17.08 31.45
N MET A 166 10.98 16.31 31.25
CA MET A 166 10.26 16.39 29.99
C MET A 166 9.35 17.65 29.81
N ARG A 167 8.83 18.16 30.93
CA ARG A 167 8.13 19.41 30.98
C ARG A 167 9.03 20.55 30.53
N LEU A 168 10.32 20.40 30.80
CA LEU A 168 11.29 21.37 30.28
C LEU A 168 11.16 21.69 28.79
N LEU A 169 10.61 20.76 28.00
CA LEU A 169 10.52 20.93 26.55
C LEU A 169 9.38 21.86 26.09
N THR A 170 8.47 22.18 27.00
CA THR A 170 7.31 23.01 26.70
C THR A 170 7.42 24.46 27.23
N LEU A 171 8.66 24.96 27.29
CA LEU A 171 8.95 26.29 27.83
C LEU A 171 9.18 27.31 26.73
N SER A 172 9.04 28.59 27.06
CA SER A 172 9.21 29.65 26.05
C SER A 172 10.57 29.56 25.39
N SER A 173 10.64 29.96 24.13
CA SER A 173 11.89 29.96 23.39
C SER A 173 13.00 30.69 24.15
N LYS A 174 12.63 31.79 24.79
CA LYS A 174 13.56 32.60 25.58
C LYS A 174 14.12 31.80 26.75
N VAL A 175 13.23 31.09 27.44
CA VAL A 175 13.60 30.27 28.59
C VAL A 175 14.47 29.08 28.20
N GLN A 176 14.04 28.34 27.18
CA GLN A 176 14.80 27.24 26.62
C GLN A 176 16.20 27.69 26.21
N ASN A 177 16.30 28.85 25.58
CA ASN A 177 17.60 29.30 25.10
C ASN A 177 18.49 29.85 26.19
N ALA A 178 17.94 29.98 27.38
CA ALA A 178 18.70 30.49 28.51
C ALA A 178 19.13 29.34 29.40
N LEU A 179 18.75 28.13 29.00
CA LEU A 179 19.10 26.93 29.72
C LEU A 179 20.09 26.13 28.90
N LEU A 180 19.98 26.23 27.58
CA LEU A 180 20.99 25.66 26.71
C LEU A 180 22.24 26.55 26.81
N GLU A 181 22.04 27.85 26.82
CA GLU A 181 23.05 28.81 27.28
C GLU A 181 23.14 28.53 28.78
N GLU A 182 24.11 29.07 29.50
CA GLU A 182 24.22 28.64 30.90
C GLU A 182 23.67 29.59 31.97
N LYS A 183 22.69 30.42 31.64
CA LYS A 183 22.30 31.42 32.62
C LYS A 183 21.12 31.04 33.49
N ILE A 184 20.43 29.98 33.12
CA ILE A 184 19.37 29.46 33.97
C ILE A 184 19.66 27.98 34.34
N THR A 185 19.15 27.51 35.48
CA THR A 185 19.18 26.07 35.77
C THR A 185 17.79 25.42 35.66
N SER A 186 17.75 24.09 35.77
CA SER A 186 16.49 23.40 35.73
C SER A 186 15.70 23.64 37.00
N GLY A 187 16.41 23.96 38.07
CA GLY A 187 15.76 24.32 39.32
C GLY A 187 14.90 25.54 39.05
N HIS A 188 15.49 26.49 38.32
CA HIS A 188 14.80 27.65 37.79
C HIS A 188 13.78 27.33 36.70
N ALA A 189 14.26 26.76 35.60
CA ALA A 189 13.41 26.50 34.43
C ALA A 189 12.12 25.73 34.71
N LYS A 190 12.17 24.67 35.50
CA LYS A 190 10.96 23.87 35.69
C LYS A 190 9.84 24.63 36.43
N VAL A 191 10.20 25.72 37.11
CA VAL A 191 9.23 26.49 37.89
C VAL A 191 8.43 27.43 36.98
N LEU A 192 8.99 27.69 35.80
CA LEU A 192 8.33 28.54 34.83
C LEU A 192 7.44 27.76 33.86
N VAL A 193 7.14 26.50 34.15
CA VAL A 193 6.32 25.75 33.20
C VAL A 193 4.81 25.91 33.45
N GLY A 194 4.06 25.79 32.36
CA GLY A 194 2.62 26.02 32.38
C GLY A 194 2.28 27.49 32.58
N LEU A 195 3.27 28.34 32.35
CA LEU A 195 3.13 29.77 32.53
C LEU A 195 3.03 30.42 31.16
N ASP A 196 2.32 31.53 31.08
CA ASP A 196 2.18 32.26 29.83
C ASP A 196 3.53 32.82 29.41
N GLY A 197 3.70 33.09 28.12
CA GLY A 197 4.91 33.72 27.62
C GLY A 197 5.33 34.99 28.34
N GLU A 198 4.40 35.92 28.55
CA GLU A 198 4.73 37.24 29.11
C GLU A 198 5.33 37.13 30.50
N LYS A 199 4.74 36.26 31.31
CA LYS A 199 5.29 36.04 32.64
C LYS A 199 6.59 35.24 32.56
N GLN A 200 6.69 34.27 31.67
CA GLN A 200 7.96 33.57 31.50
C GLN A 200 9.09 34.55 31.30
N GLU A 201 8.83 35.53 30.44
CA GLU A 201 9.78 36.60 30.11
C GLU A 201 10.08 37.51 31.31
N LEU A 202 9.02 37.92 31.98
CA LEU A 202 9.14 38.77 33.17
C LEU A 202 10.03 38.12 34.23
N ILE A 203 9.56 36.98 34.73
CA ILE A 203 10.27 36.31 35.81
C ILE A 203 11.66 35.94 35.34
N LEU A 204 11.80 35.45 34.11
CA LEU A 204 13.14 35.10 33.62
C LEU A 204 14.11 36.26 33.78
N ASN A 205 13.69 37.45 33.33
CA ASN A 205 14.49 38.64 33.56
C ASN A 205 14.79 38.80 35.03
N SER A 206 13.81 38.52 35.89
CA SER A 206 14.10 38.65 37.32
C SER A 206 15.14 37.64 37.83
N ILE A 207 15.15 36.44 37.30
CA ILE A 207 16.13 35.45 37.71
C ILE A 207 17.50 35.89 37.26
N ILE A 208 17.69 36.04 35.96
CA ILE A 208 18.98 36.44 35.43
C ILE A 208 19.50 37.76 36.01
N GLY A 209 18.61 38.73 36.15
CA GLY A 209 19.02 40.05 36.57
C GLY A 209 19.53 40.01 37.96
N GLN A 210 18.66 39.63 38.89
CA GLN A 210 19.03 39.56 40.31
C GLN A 210 19.74 38.25 40.78
N LYS A 211 20.10 37.37 39.85
CA LYS A 211 20.72 36.08 40.16
C LYS A 211 20.06 35.39 41.35
N LEU A 212 18.77 35.12 41.25
CA LEU A 212 18.04 34.49 42.35
C LEU A 212 18.38 33.00 42.51
N SER A 213 18.40 32.56 43.75
CA SER A 213 18.52 31.14 44.06
C SER A 213 17.15 30.55 43.79
N VAL A 214 17.10 29.30 43.34
CA VAL A 214 15.84 28.62 43.06
C VAL A 214 14.82 28.78 44.18
N ARG A 215 15.25 29.11 45.38
CA ARG A 215 14.26 29.25 46.45
C ARG A 215 13.47 30.51 46.20
N GLN A 216 14.23 31.58 46.01
CA GLN A 216 13.74 32.82 45.48
C GLN A 216 12.85 32.54 44.27
N THR A 217 13.44 32.17 43.14
CA THR A 217 12.69 31.89 41.91
C THR A 217 11.36 31.15 42.10
N GLU A 218 11.32 30.13 42.93
CA GLU A 218 10.07 29.40 43.16
C GLU A 218 9.07 30.26 43.91
N ASP A 219 9.54 30.98 44.93
CA ASP A 219 8.71 31.96 45.63
C ASP A 219 8.18 33.10 44.74
N LEU A 220 9.05 33.69 43.94
CA LEU A 220 8.70 34.77 43.05
C LEU A 220 7.69 34.32 42.03
N ALA A 221 7.90 33.14 41.47
CA ALA A 221 6.98 32.70 40.42
C ALA A 221 5.70 32.18 41.03
N ARG A 222 5.73 31.93 42.34
CA ARG A 222 4.53 31.45 43.03
C ARG A 222 3.34 32.41 42.89
N ASP A 223 3.63 33.71 42.94
CA ASP A 223 2.58 34.71 42.94
C ASP A 223 1.90 34.81 41.59
N PHE A 224 2.59 34.39 40.54
CA PHE A 224 2.06 34.44 39.18
C PHE A 224 1.40 33.13 38.82
N LYS A 225 0.86 32.45 39.82
CA LYS A 225 0.26 31.14 39.63
C LYS A 225 -0.98 31.05 40.49
N ILE A 226 -2.14 31.21 39.85
CA ILE A 226 -3.44 31.14 40.53
C ILE A 226 -3.49 31.78 41.92
N PRO B 45 -11.11 9.91 -6.91
CA PRO B 45 -10.30 8.71 -6.69
C PRO B 45 -10.59 7.60 -7.70
N TYR B 46 -9.82 7.57 -8.77
CA TYR B 46 -10.11 6.73 -9.92
C TYR B 46 -9.17 7.01 -11.08
N GLN B 47 -9.18 6.11 -12.05
CA GLN B 47 -8.37 6.24 -13.24
C GLN B 47 -9.20 5.48 -14.28
N PRO B 48 -9.00 5.76 -15.58
CA PRO B 48 -9.77 5.10 -16.66
C PRO B 48 -10.11 3.63 -16.44
N ARG B 49 -9.19 2.84 -15.89
CA ARG B 49 -9.44 1.42 -15.65
C ARG B 49 -10.69 1.21 -14.79
N LYS B 50 -11.40 0.11 -15.06
CA LYS B 50 -12.62 -0.20 -14.35
C LYS B 50 -12.31 -0.61 -12.92
N VAL B 51 -13.06 -0.08 -11.96
CA VAL B 51 -12.97 -0.57 -10.59
C VAL B 51 -13.25 -2.07 -10.55
N PHE B 52 -12.49 -2.78 -9.74
CA PHE B 52 -12.82 -4.16 -9.40
C PHE B 52 -13.48 -4.13 -8.03
N SER B 53 -14.49 -4.97 -7.82
CA SER B 53 -15.14 -5.05 -6.52
C SER B 53 -14.35 -5.96 -5.58
N GLU B 54 -14.55 -5.78 -4.27
CA GLU B 54 -13.75 -6.47 -3.28
C GLU B 54 -14.41 -7.74 -2.74
N ASP B 55 -13.59 -8.76 -2.49
CA ASP B 55 -14.07 -10.01 -1.91
C ASP B 55 -14.65 -9.74 -0.53
N SER B 56 -15.79 -10.36 -0.24
CA SER B 56 -16.61 -10.03 0.92
C SER B 56 -15.85 -9.87 2.24
N LEU B 57 -14.73 -10.58 2.37
CA LEU B 57 -13.93 -10.60 3.60
C LEU B 57 -13.51 -9.23 4.16
N GLU B 58 -13.11 -8.33 3.28
CA GLU B 58 -12.62 -7.03 3.71
C GLU B 58 -13.78 -6.08 3.97
N GLU B 59 -14.59 -5.86 2.95
CA GLU B 59 -15.69 -4.88 3.01
C GLU B 59 -16.69 -5.22 4.11
N LEU B 60 -16.92 -6.51 4.32
CA LEU B 60 -17.84 -6.97 5.35
C LEU B 60 -17.22 -6.78 6.73
N ALA B 61 -15.95 -7.19 6.84
CA ALA B 61 -15.30 -7.30 8.14
C ALA B 61 -14.44 -6.09 8.45
N GLN B 62 -14.67 -4.98 7.77
CA GLN B 62 -13.81 -3.83 8.03
C GLN B 62 -14.30 -2.97 9.21
N SER B 63 -15.61 -2.99 9.49
CA SER B 63 -16.13 -2.28 10.65
C SER B 63 -15.64 -2.94 11.95
N ILE B 64 -15.46 -4.26 11.92
CA ILE B 64 -14.86 -5.00 13.02
C ILE B 64 -13.33 -4.95 12.93
N LYS B 65 -12.77 -4.21 11.96
CA LYS B 65 -11.31 -4.16 11.78
C LYS B 65 -10.66 -2.80 11.43
N GLU B 66 -11.47 -1.75 11.50
CA GLU B 66 -11.07 -0.37 11.20
C GLU B 66 -10.38 0.34 12.37
N HIS B 67 -10.75 -0.02 13.59
CA HIS B 67 -10.21 0.66 14.78
C HIS B 67 -8.75 0.34 15.06
N GLY B 68 -8.27 -0.75 14.48
CA GLY B 68 -6.85 -1.02 14.41
C GLY B 68 -6.37 -0.58 13.04
N LEU B 69 -7.29 -0.57 12.06
CA LEU B 69 -7.02 -0.43 10.60
C LEU B 69 -5.56 -0.21 10.17
N LEU B 70 -4.91 0.87 10.63
CA LEU B 70 -3.47 1.20 10.41
C LEU B 70 -2.81 0.74 9.10
N GLN B 71 -3.54 0.75 8.00
CA GLN B 71 -2.89 0.34 6.76
C GLN B 71 -1.76 1.36 6.56
N PRO B 72 -0.59 0.88 6.08
CA PRO B 72 0.49 1.76 5.65
C PRO B 72 -0.11 2.82 4.76
N VAL B 73 -0.01 4.07 5.21
CA VAL B 73 -0.59 5.20 4.53
C VAL B 73 -0.13 5.09 3.12
N LEU B 74 -1.02 5.33 2.17
CA LEU B 74 -0.68 4.90 0.82
C LEU B 74 -1.06 5.79 -0.40
N VAL B 75 -0.29 5.62 -1.48
CA VAL B 75 -0.01 6.70 -2.44
C VAL B 75 -1.17 7.34 -3.21
N VAL B 76 -1.30 8.67 -3.06
CA VAL B 76 -2.29 9.46 -3.79
C VAL B 76 -1.69 10.62 -4.60
N SER B 77 -2.41 11.03 -5.64
CA SER B 77 -1.93 12.07 -6.55
C SER B 77 -2.69 13.40 -6.37
N GLU B 78 -1.94 14.49 -6.41
CA GLU B 78 -2.49 15.82 -6.14
C GLU B 78 -2.16 16.83 -7.23
N ASN B 79 -3.19 17.43 -7.84
CA ASN B 79 -2.95 18.51 -8.79
C ASN B 79 -3.99 19.62 -8.68
N GLY B 80 -3.54 20.86 -8.44
CA GLY B 80 -4.44 21.99 -8.37
C GLY B 80 -5.72 21.68 -7.61
N ARG B 81 -5.58 21.48 -6.30
CA ARG B 81 -6.72 21.20 -5.41
C ARG B 81 -7.37 19.81 -5.55
N TYR B 82 -6.99 19.03 -6.56
CA TYR B 82 -7.64 17.73 -6.75
C TYR B 82 -6.83 16.51 -6.34
N HIS B 83 -7.49 15.61 -5.61
CA HIS B 83 -6.86 14.40 -5.10
C HIS B 83 -7.34 13.16 -5.85
N LEU B 84 -6.70 12.85 -6.96
CA LEU B 84 -7.04 11.64 -7.72
C LEU B 84 -6.12 10.53 -7.26
N ILE B 85 -6.53 9.27 -7.36
CA ILE B 85 -5.73 8.19 -6.79
C ILE B 85 -4.44 8.02 -7.60
N ALA B 86 -3.32 7.78 -6.90
CA ALA B 86 -2.02 7.57 -7.53
C ALA B 86 -1.74 6.10 -7.78
N GLY B 87 -2.38 5.22 -7.04
CA GLY B 87 -2.20 3.81 -7.30
C GLY B 87 -3.52 3.10 -7.42
N GLU B 88 -3.62 2.24 -8.44
CA GLU B 88 -4.77 1.35 -8.64
C GLU B 88 -5.01 0.49 -7.40
N ARG B 89 -3.94 0.26 -6.65
CA ARG B 89 -3.92 -0.67 -5.55
C ARG B 89 -4.33 -0.03 -4.22
N ARG B 90 -4.70 1.24 -4.25
CA ARG B 90 -5.24 1.89 -3.06
C ARG B 90 -6.74 1.65 -2.97
N LEU B 91 -7.36 1.39 -4.11
CA LEU B 91 -8.81 1.20 -4.23
C LEU B 91 -9.41 0.37 -3.10
N ARG B 92 -8.69 -0.65 -2.67
CA ARG B 92 -9.07 -1.46 -1.52
C ARG B 92 -9.26 -0.61 -0.27
N ALA B 93 -8.25 0.22 0.03
CA ALA B 93 -8.24 1.06 1.22
C ALA B 93 -9.10 2.32 1.07
N SER B 94 -9.39 2.70 -0.17
CA SER B 94 -10.27 3.82 -0.45
C SER B 94 -11.72 3.35 -0.50
N LYS B 95 -11.91 2.02 -0.46
CA LYS B 95 -13.25 1.44 -0.44
C LYS B 95 -13.64 1.04 0.97
N LEU B 96 -12.66 0.62 1.76
CA LEU B 96 -12.93 0.29 3.16
C LEU B 96 -13.01 1.55 4.00
N ALA B 97 -12.62 2.67 3.39
CA ALA B 97 -12.80 3.98 3.98
C ALA B 97 -14.15 4.56 3.52
N LYS B 98 -14.97 3.73 2.87
CA LYS B 98 -16.34 4.12 2.57
C LYS B 98 -17.09 4.15 3.88
N MET B 99 -16.64 3.31 4.80
CA MET B 99 -17.12 3.33 6.16
C MET B 99 -16.57 4.60 6.81
N PRO B 100 -17.35 5.20 7.74
CA PRO B 100 -17.24 6.61 8.13
C PRO B 100 -15.82 7.22 8.19
N THR B 101 -14.86 6.45 8.72
CA THR B 101 -13.52 6.94 9.08
C THR B 101 -12.88 7.92 8.09
N ILE B 102 -12.18 8.90 8.63
CA ILE B 102 -11.81 10.14 7.92
C ILE B 102 -10.70 10.06 6.88
N LYS B 103 -10.51 11.17 6.17
CA LYS B 103 -9.44 11.30 5.17
C LYS B 103 -8.44 12.38 5.56
N ALA B 104 -7.24 11.96 5.93
CA ALA B 104 -6.14 12.87 6.23
C ALA B 104 -4.99 12.52 5.31
N ILE B 105 -3.97 13.36 5.25
CA ILE B 105 -2.95 13.20 4.22
C ILE B 105 -1.53 12.82 4.64
N VAL B 106 -1.02 11.79 3.97
CA VAL B 106 0.40 11.49 3.91
C VAL B 106 0.58 10.83 2.52
N VAL B 107 1.80 10.84 2.00
CA VAL B 107 2.18 10.15 0.74
C VAL B 107 1.44 10.66 -0.52
N ASP B 108 1.42 11.98 -0.66
CA ASP B 108 0.89 12.65 -1.84
C ASP B 108 2.02 13.15 -2.73
N ILE B 109 2.02 12.71 -3.97
CA ILE B 109 2.88 13.30 -4.98
C ILE B 109 2.05 14.41 -5.64
N GLU B 110 2.71 15.51 -6.02
CA GLU B 110 2.00 16.68 -6.53
C GLU B 110 2.29 16.96 -7.99
N GLN B 111 1.33 16.70 -8.86
CA GLN B 111 1.46 17.05 -10.27
C GLN B 111 1.73 18.56 -10.40
N GLU B 112 1.27 19.34 -9.41
CA GLU B 112 1.43 20.80 -9.45
C GLU B 112 2.84 21.29 -9.15
N LYS B 113 3.52 20.69 -8.18
CA LYS B 113 4.88 21.12 -7.88
C LYS B 113 5.79 20.68 -8.99
N MET B 114 5.43 19.56 -9.61
CA MET B 114 6.18 19.05 -10.73
C MET B 114 6.05 20.07 -11.87
N ARG B 115 4.81 20.34 -12.28
CA ARG B 115 4.57 21.30 -13.35
C ARG B 115 5.25 22.62 -13.04
N GLU B 116 5.22 22.97 -11.75
CA GLU B 116 5.79 24.22 -11.24
C GLU B 116 7.27 24.29 -11.56
N VAL B 117 8.03 23.42 -10.89
CA VAL B 117 9.48 23.38 -11.08
C VAL B 117 9.85 23.32 -12.55
N ALA B 118 9.18 22.46 -13.31
CA ALA B 118 9.40 22.38 -14.75
C ALA B 118 9.33 23.75 -15.40
N LEU B 119 8.21 24.46 -15.20
CA LEU B 119 8.00 25.75 -15.88
C LEU B 119 8.91 26.89 -15.39
N ILE B 120 8.99 27.09 -14.09
CA ILE B 120 9.86 28.16 -13.59
C ILE B 120 11.33 27.89 -13.91
N GLU B 121 11.68 26.62 -14.08
CA GLU B 121 13.04 26.25 -14.39
C GLU B 121 13.35 26.48 -15.85
N ASN B 122 12.40 26.11 -16.72
CA ASN B 122 12.66 26.17 -18.15
C ASN B 122 12.33 27.49 -18.87
N ILE B 123 11.13 28.04 -18.68
CA ILE B 123 10.65 29.17 -19.54
C ILE B 123 11.67 30.27 -19.80
N GLN B 124 12.55 30.47 -18.82
CA GLN B 124 13.54 31.54 -18.82
C GLN B 124 14.96 30.95 -18.91
N ARG B 125 15.83 31.62 -19.65
CA ARG B 125 17.18 31.12 -19.84
C ARG B 125 18.24 32.18 -19.55
N GLU B 126 17.83 33.23 -18.84
CA GLU B 126 18.70 34.37 -18.55
C GLU B 126 20.02 33.96 -17.87
N ASP B 127 19.90 33.19 -16.80
CA ASP B 127 21.04 32.88 -15.94
C ASP B 127 21.95 31.82 -16.57
N LEU B 128 23.21 32.19 -16.83
CA LEU B 128 24.13 31.33 -17.58
C LEU B 128 25.35 30.83 -16.81
N ASN B 129 25.52 29.51 -16.80
CA ASN B 129 26.72 28.81 -16.33
C ASN B 129 26.71 27.39 -16.92
N PRO B 130 27.79 27.00 -17.63
CA PRO B 130 27.73 25.82 -18.50
C PRO B 130 27.34 24.57 -17.72
N LEU B 131 27.87 24.47 -16.51
CA LEU B 131 27.59 23.34 -15.65
C LEU B 131 26.21 23.41 -15.04
N GLU B 132 25.76 24.61 -14.69
CA GLU B 132 24.42 24.80 -14.16
C GLU B 132 23.43 24.55 -15.28
N LEU B 133 23.82 25.03 -16.45
CA LEU B 133 23.00 24.84 -17.62
C LEU B 133 22.80 23.35 -17.79
N ALA B 134 23.91 22.62 -17.94
CA ALA B 134 23.89 21.15 -18.03
C ALA B 134 23.05 20.47 -16.95
N ARG B 135 23.18 20.92 -15.71
CA ARG B 135 22.42 20.35 -14.61
C ARG B 135 20.93 20.52 -14.83
N SER B 136 20.53 21.66 -15.38
CA SER B 136 19.11 21.92 -15.64
C SER B 136 18.59 21.10 -16.83
N TYR B 137 19.38 21.04 -17.90
CA TYR B 137 19.00 20.22 -19.05
C TYR B 137 18.78 18.80 -18.60
N LYS B 138 19.77 18.26 -17.88
CA LYS B 138 19.71 16.88 -17.41
C LYS B 138 18.47 16.72 -16.55
N GLU B 139 18.33 17.60 -15.56
CA GLU B 139 17.17 17.62 -14.69
C GLU B 139 15.83 17.71 -15.44
N LEU B 140 15.84 18.30 -16.62
CA LEU B 140 14.61 18.45 -17.42
C LEU B 140 14.25 17.18 -18.21
N LEU B 141 15.11 16.18 -18.18
CA LEU B 141 14.93 14.96 -18.98
C LEU B 141 14.54 13.73 -18.14
N GLU B 142 15.35 13.42 -17.12
CA GLU B 142 15.01 12.37 -16.15
C GLU B 142 13.60 12.62 -15.55
N SER B 143 13.48 13.56 -14.62
CA SER B 143 12.15 14.01 -14.19
C SER B 143 11.54 14.70 -15.40
N TYR B 144 10.22 14.84 -15.44
CA TYR B 144 9.54 15.48 -16.56
C TYR B 144 9.94 14.88 -17.92
N GLN B 145 9.94 13.56 -18.02
CA GLN B 145 10.56 12.83 -19.13
C GLN B 145 10.31 13.39 -20.52
N MET B 146 11.41 13.80 -21.14
CA MET B 146 11.41 14.32 -22.51
C MET B 146 12.71 13.96 -23.18
N THR B 147 12.65 13.75 -24.49
CA THR B 147 13.82 13.40 -25.26
C THR B 147 14.68 14.65 -25.43
N GLN B 148 15.81 14.52 -26.13
CA GLN B 148 16.73 15.65 -26.32
C GLN B 148 16.19 16.70 -27.27
N GLU B 149 15.51 16.23 -28.31
CA GLU B 149 14.93 17.10 -29.33
C GLU B 149 13.95 18.09 -28.75
N GLU B 150 13.05 17.62 -27.89
CA GLU B 150 12.03 18.48 -27.30
C GLU B 150 12.67 19.57 -26.44
N LEU B 151 13.54 19.14 -25.53
CA LEU B 151 14.28 20.05 -24.68
C LEU B 151 14.95 21.12 -25.53
N SER B 152 15.51 20.70 -26.65
CA SER B 152 16.14 21.61 -27.59
C SER B 152 15.13 22.55 -28.24
N LYS B 153 13.89 22.08 -28.37
CA LYS B 153 12.81 22.89 -28.93
C LYS B 153 12.41 24.02 -28.01
N ILE B 154 12.34 23.75 -26.71
CA ILE B 154 11.95 24.81 -25.78
C ILE B 154 13.09 25.75 -25.40
N VAL B 155 14.32 25.27 -25.47
CA VAL B 155 15.47 26.12 -25.13
C VAL B 155 15.96 26.89 -26.37
N LYS B 156 15.30 26.66 -27.50
CA LYS B 156 15.71 27.22 -28.79
C LYS B 156 17.19 26.99 -29.09
N LYS B 157 17.60 25.73 -29.03
CA LYS B 157 18.96 25.36 -29.35
C LYS B 157 18.93 24.05 -30.11
N SER B 158 20.02 23.73 -30.79
CA SER B 158 20.16 22.47 -31.52
C SER B 158 20.34 21.26 -30.59
N ARG B 159 19.87 20.09 -31.04
CA ARG B 159 20.04 18.85 -30.29
C ARG B 159 21.54 18.62 -29.99
N ALA B 160 22.36 18.97 -30.97
CA ALA B 160 23.81 18.96 -30.81
C ALA B 160 24.22 19.64 -29.51
N HIS B 161 23.79 20.88 -29.35
CA HIS B 161 24.16 21.69 -28.19
C HIS B 161 23.70 21.12 -26.86
N VAL B 162 22.55 20.45 -26.82
CA VAL B 162 22.13 19.84 -25.55
C VAL B 162 22.97 18.61 -25.21
N ALA B 163 23.21 17.76 -26.21
CA ALA B 163 24.12 16.63 -26.04
C ALA B 163 25.45 17.12 -25.46
N ASN B 164 26.15 17.95 -26.22
CA ASN B 164 27.44 18.47 -25.79
C ASN B 164 27.43 19.21 -24.43
N ILE B 165 26.38 19.96 -24.14
CA ILE B 165 26.35 20.63 -22.84
C ILE B 165 26.20 19.62 -21.71
N MET B 166 25.33 18.64 -21.90
CA MET B 166 25.12 17.65 -20.87
C MET B 166 26.32 16.72 -20.65
N ARG B 167 27.02 16.40 -21.73
CA ARG B 167 28.28 15.65 -21.67
C ARG B 167 29.33 16.28 -20.74
N LEU B 168 29.35 17.59 -20.57
CA LEU B 168 30.42 18.11 -19.72
C LEU B 168 30.12 17.90 -18.23
N LEU B 169 28.94 17.36 -17.95
CA LEU B 169 28.56 17.06 -16.57
C LEU B 169 29.37 15.89 -16.00
N THR B 170 30.05 15.19 -16.90
CA THR B 170 30.73 13.95 -16.57
C THR B 170 32.21 14.04 -16.92
N LEU B 171 32.92 14.90 -16.21
CA LEU B 171 34.36 15.06 -16.40
C LEU B 171 35.03 14.89 -15.05
N SER B 172 36.34 14.73 -15.04
CA SER B 172 37.08 14.76 -13.78
C SER B 172 36.77 16.06 -13.06
N SER B 173 36.45 15.94 -11.77
CA SER B 173 36.08 17.08 -10.94
C SER B 173 37.08 18.23 -11.00
N LYS B 174 38.30 17.97 -11.43
CA LYS B 174 39.26 19.06 -11.52
C LYS B 174 39.08 19.82 -12.83
N VAL B 175 38.57 19.14 -13.86
CA VAL B 175 38.21 19.83 -15.10
C VAL B 175 36.96 20.69 -14.87
N GLN B 176 35.87 20.06 -14.43
CA GLN B 176 34.71 20.78 -13.90
C GLN B 176 35.09 21.97 -13.04
N ASN B 177 36.01 21.76 -12.10
CA ASN B 177 36.47 22.87 -11.28
C ASN B 177 37.37 23.87 -11.98
N ALA B 178 37.89 23.52 -13.14
CA ALA B 178 38.62 24.49 -13.93
C ALA B 178 37.60 25.34 -14.67
N LEU B 179 36.48 24.71 -14.99
CA LEU B 179 35.44 25.28 -15.82
C LEU B 179 34.56 26.24 -15.02
N LEU B 180 34.43 26.01 -13.73
CA LEU B 180 33.50 26.83 -12.97
C LEU B 180 34.12 28.13 -12.40
N GLU B 181 35.43 28.28 -12.45
CA GLU B 181 36.01 29.56 -12.08
C GLU B 181 36.59 30.31 -13.27
N GLU B 182 36.10 29.97 -14.47
CA GLU B 182 36.49 30.65 -15.71
C GLU B 182 37.96 30.49 -16.03
N LYS B 183 38.53 29.36 -15.64
CA LYS B 183 39.91 29.04 -15.96
C LYS B 183 40.01 28.40 -17.33
N ILE B 184 38.93 27.76 -17.75
CA ILE B 184 38.80 27.32 -19.13
C ILE B 184 37.39 27.63 -19.64
N THR B 185 37.22 27.65 -20.95
CA THR B 185 35.91 27.87 -21.53
C THR B 185 35.24 26.52 -21.70
N SER B 186 33.93 26.52 -21.92
CA SER B 186 33.24 25.27 -22.19
C SER B 186 33.74 24.61 -23.47
N GLY B 187 34.22 25.42 -24.40
CA GLY B 187 34.68 24.92 -25.67
C GLY B 187 35.88 24.04 -25.48
N HIS B 188 36.65 24.36 -24.44
CA HIS B 188 37.76 23.53 -24.02
C HIS B 188 37.21 22.30 -23.33
N ALA B 189 36.47 22.54 -22.26
CA ALA B 189 35.98 21.48 -21.40
C ALA B 189 35.30 20.35 -22.18
N LYS B 190 34.77 20.65 -23.35
CA LYS B 190 33.98 19.68 -24.08
C LYS B 190 34.86 18.65 -24.76
N VAL B 191 36.06 19.07 -25.13
CA VAL B 191 36.90 18.29 -26.02
C VAL B 191 37.63 17.17 -25.24
N LEU B 192 37.29 17.08 -23.96
CA LEU B 192 37.92 16.19 -23.03
C LEU B 192 36.92 15.24 -22.44
N VAL B 193 35.82 14.92 -23.11
CA VAL B 193 34.82 14.11 -22.41
C VAL B 193 35.05 12.61 -22.38
N GLY B 194 35.51 12.03 -23.49
CA GLY B 194 35.73 10.60 -23.51
C GLY B 194 36.87 10.27 -22.57
N LEU B 195 37.95 11.03 -22.74
CA LEU B 195 39.21 10.94 -22.03
C LEU B 195 39.23 10.49 -20.54
N ASP B 196 40.22 9.64 -20.20
CA ASP B 196 40.41 9.10 -18.85
C ASP B 196 40.95 10.18 -17.95
N GLY B 197 40.80 10.01 -16.64
CA GLY B 197 41.11 11.05 -15.68
C GLY B 197 42.45 11.73 -15.89
N GLU B 198 43.43 10.92 -16.23
CA GLU B 198 44.80 11.39 -16.30
C GLU B 198 45.00 12.25 -17.52
N LYS B 199 44.42 11.84 -18.64
CA LYS B 199 44.62 12.55 -19.89
C LYS B 199 43.95 13.92 -19.80
N GLN B 200 42.77 13.93 -19.20
CA GLN B 200 42.09 15.16 -18.90
C GLN B 200 42.98 16.02 -18.03
N GLU B 201 43.64 15.43 -17.03
CA GLU B 201 44.51 16.21 -16.13
C GLU B 201 45.75 16.84 -16.82
N LEU B 202 46.43 16.05 -17.65
CA LEU B 202 47.60 16.50 -18.40
C LEU B 202 47.23 17.57 -19.43
N ILE B 203 46.23 17.25 -20.24
CA ILE B 203 45.76 18.15 -21.27
C ILE B 203 45.24 19.44 -20.63
N LEU B 204 44.42 19.31 -19.59
CA LEU B 204 43.91 20.47 -18.87
C LEU B 204 45.03 21.39 -18.46
N ASN B 205 45.99 20.81 -17.75
CA ASN B 205 47.15 21.58 -17.31
C ASN B 205 47.86 22.27 -18.48
N SER B 206 47.87 21.64 -19.66
CA SER B 206 48.35 22.35 -20.83
C SER B 206 47.47 23.55 -21.22
N ILE B 207 46.15 23.38 -21.17
CA ILE B 207 45.24 24.43 -21.60
C ILE B 207 45.43 25.66 -20.74
N ILE B 208 45.38 25.51 -19.42
CA ILE B 208 45.64 26.68 -18.56
C ILE B 208 47.13 27.04 -18.57
N GLY B 209 47.97 26.13 -19.05
CA GLY B 209 49.39 26.34 -18.97
C GLY B 209 49.88 27.25 -20.04
N GLN B 210 49.49 26.97 -21.27
CA GLN B 210 50.01 27.76 -22.37
C GLN B 210 48.91 28.52 -23.08
N LYS B 211 47.87 28.88 -22.31
CA LYS B 211 46.74 29.70 -22.75
C LYS B 211 46.23 29.30 -24.15
N LEU B 212 45.53 28.16 -24.21
CA LEU B 212 45.22 27.57 -25.48
C LEU B 212 43.84 27.96 -26.04
N SER B 213 43.85 28.32 -27.32
CA SER B 213 42.64 28.44 -28.11
C SER B 213 41.88 27.14 -27.99
N VAL B 214 40.56 27.17 -28.18
CA VAL B 214 39.81 25.94 -28.29
C VAL B 214 40.36 25.16 -29.49
N ARG B 215 40.92 25.84 -30.47
CA ARG B 215 41.31 25.11 -31.66
C ARG B 215 42.59 24.28 -31.42
N GLN B 216 43.44 24.81 -30.54
CA GLN B 216 44.61 24.11 -30.03
C GLN B 216 44.16 22.93 -29.15
N THR B 217 43.45 23.22 -28.07
CA THR B 217 42.90 22.17 -27.20
C THR B 217 42.12 21.12 -27.98
N GLU B 218 41.78 21.42 -29.22
CA GLU B 218 41.19 20.42 -30.08
C GLU B 218 42.25 19.67 -30.87
N ASP B 219 43.35 20.33 -31.24
CA ASP B 219 44.46 19.65 -31.95
C ASP B 219 45.24 18.66 -31.04
N LEU B 220 45.50 19.10 -29.81
CA LEU B 220 46.15 18.30 -28.79
C LEU B 220 45.41 16.99 -28.57
N ALA B 221 44.29 17.09 -27.87
CA ALA B 221 43.50 15.93 -27.45
C ALA B 221 43.07 14.94 -28.54
N ARG B 222 43.39 15.25 -29.81
CA ARG B 222 43.11 14.37 -30.93
C ARG B 222 44.07 13.22 -30.80
N ASP B 223 45.28 13.51 -30.35
CA ASP B 223 46.32 12.50 -30.27
C ASP B 223 46.07 11.52 -29.12
N PHE B 224 45.29 11.98 -28.15
CA PHE B 224 44.96 11.21 -26.99
C PHE B 224 43.64 10.49 -27.17
N LYS B 225 43.32 10.14 -28.42
CA LYS B 225 42.12 9.39 -28.73
C LYS B 225 42.23 8.61 -30.04
N ILE B 226 41.97 7.32 -29.93
CA ILE B 226 42.08 6.36 -31.03
C ILE B 226 40.95 5.35 -30.84
N ASN B 227 39.93 5.45 -31.68
CA ASN B 227 38.71 4.69 -31.48
C ASN B 227 38.31 3.85 -32.69
N GLU C 35 -0.01 -4.56 17.75
CA GLU C 35 -1.34 -5.01 17.38
C GLU C 35 -1.57 -6.47 17.76
N LEU C 36 -0.48 -7.24 17.79
CA LEU C 36 -0.52 -8.68 18.10
C LEU C 36 -0.88 -8.96 19.55
N GLY C 37 -0.32 -8.15 20.44
CA GLY C 37 -0.37 -8.43 21.86
C GLY C 37 -1.72 -8.06 22.42
N ILE C 38 -2.27 -6.94 21.97
CA ILE C 38 -3.57 -6.48 22.47
C ILE C 38 -4.66 -7.53 22.24
N ASP C 39 -4.42 -8.41 21.27
CA ASP C 39 -5.31 -9.54 21.00
C ASP C 39 -4.80 -10.80 21.71
N GLU C 40 -3.50 -10.87 21.92
CA GLU C 40 -2.94 -12.04 22.60
C GLU C 40 -3.45 -12.09 24.05
N VAL C 41 -3.34 -10.96 24.74
CA VAL C 41 -3.75 -10.78 26.15
C VAL C 41 -5.24 -10.98 26.36
N MET C 42 -5.97 -10.92 25.25
CA MET C 42 -7.43 -10.76 25.23
C MET C 42 -8.17 -11.71 26.22
N PRO C 43 -7.96 -13.03 26.13
CA PRO C 43 -8.70 -13.78 27.16
C PRO C 43 -7.95 -14.05 28.49
N ASN C 44 -8.59 -13.66 29.59
CA ASN C 44 -8.36 -14.15 30.97
C ASN C 44 -6.91 -14.20 31.54
N PRO C 45 -6.17 -13.08 31.49
CA PRO C 45 -4.96 -13.11 32.31
C PRO C 45 -5.12 -12.26 33.57
N TYR C 46 -4.36 -12.57 34.61
CA TYR C 46 -4.40 -11.79 35.84
C TYR C 46 -3.57 -10.51 35.71
N GLN C 47 -2.68 -10.47 34.72
CA GLN C 47 -1.84 -9.29 34.46
C GLN C 47 -2.14 -8.77 33.04
N PRO C 48 -2.26 -7.44 32.87
CA PRO C 48 -2.61 -6.81 31.59
C PRO C 48 -1.66 -7.18 30.44
N ARG C 49 -0.37 -7.35 30.76
CA ARG C 49 0.58 -8.01 29.87
C ARG C 49 0.82 -9.43 30.39
N LYS C 50 0.69 -10.41 29.50
CA LYS C 50 0.52 -11.83 29.87
C LYS C 50 1.69 -12.54 30.57
N VAL C 51 2.66 -11.75 31.07
CA VAL C 51 4.03 -12.19 31.44
C VAL C 51 4.51 -13.52 30.82
N PHE C 52 4.52 -13.58 29.49
CA PHE C 52 4.98 -14.77 28.73
C PHE C 52 6.18 -14.51 27.80
N SER C 53 6.43 -13.25 27.49
CA SER C 53 7.58 -12.90 26.66
C SER C 53 8.72 -12.36 27.53
N GLU C 54 8.37 -11.77 28.66
CA GLU C 54 9.37 -11.18 29.55
C GLU C 54 9.78 -12.14 30.65
N ASP C 55 8.95 -13.16 30.87
CA ASP C 55 9.21 -14.17 31.88
C ASP C 55 10.35 -15.11 31.50
N SER C 56 10.94 -14.85 30.34
CA SER C 56 12.16 -15.53 29.95
C SER C 56 13.15 -15.30 31.09
N LEU C 57 13.08 -14.08 31.67
CA LEU C 57 13.86 -13.67 32.86
C LEU C 57 15.30 -13.98 32.54
N GLU C 58 15.93 -14.83 33.36
CA GLU C 58 17.20 -15.42 33.00
C GLU C 58 16.91 -16.88 32.65
N GLU C 59 17.23 -17.24 31.42
CA GLU C 59 17.00 -18.57 30.88
C GLU C 59 17.49 -19.69 31.83
N LEU C 60 18.64 -19.44 32.46
CA LEU C 60 19.24 -20.30 33.48
C LEU C 60 19.40 -21.77 33.08
N ALA C 61 19.43 -22.02 31.77
CA ALA C 61 19.41 -23.36 31.17
C ALA C 61 18.23 -24.18 31.66
N GLN C 62 17.08 -23.54 31.76
CA GLN C 62 15.93 -24.14 32.40
C GLN C 62 14.65 -23.89 31.61
N SER C 63 14.73 -22.98 30.63
CA SER C 63 13.60 -22.64 29.79
C SER C 63 13.51 -23.44 28.47
N ILE C 64 14.65 -23.92 27.97
CA ILE C 64 14.64 -24.72 26.74
C ILE C 64 14.28 -26.16 27.08
N LYS C 65 14.26 -26.47 28.37
CA LYS C 65 13.93 -27.82 28.84
C LYS C 65 12.42 -28.05 28.93
N GLU C 66 11.72 -27.10 29.54
CA GLU C 66 10.28 -27.29 29.78
C GLU C 66 9.43 -26.41 28.85
N HIS C 67 10.06 -25.77 27.86
CA HIS C 67 9.25 -25.17 26.81
C HIS C 67 8.32 -26.22 26.17
N GLY C 68 8.85 -27.42 25.83
CA GLY C 68 8.09 -28.63 25.51
C GLY C 68 6.77 -28.39 24.77
N LEU C 69 5.68 -29.00 25.22
CA LEU C 69 4.34 -28.57 24.76
C LEU C 69 4.13 -27.23 25.42
N LEU C 70 4.24 -26.18 24.61
CA LEU C 70 4.04 -24.82 25.05
C LEU C 70 2.63 -24.45 24.58
N GLN C 71 2.18 -23.22 24.86
CA GLN C 71 0.97 -22.75 24.22
C GLN C 71 1.26 -22.80 22.72
N PRO C 72 0.32 -23.41 21.96
CA PRO C 72 0.61 -23.87 20.58
C PRO C 72 1.18 -22.80 19.60
N VAL C 73 0.84 -21.51 19.69
CA VAL C 73 1.36 -20.51 18.74
C VAL C 73 2.18 -19.38 19.31
N LEU C 74 3.42 -19.22 18.85
CA LEU C 74 4.30 -18.10 19.20
C LEU C 74 5.43 -17.98 18.17
N VAL C 75 6.03 -16.80 18.10
CA VAL C 75 7.22 -16.59 17.28
C VAL C 75 8.21 -15.72 18.06
N VAL C 76 9.28 -16.35 18.56
CA VAL C 76 10.53 -15.66 18.92
C VAL C 76 10.27 -14.30 19.62
N SER C 77 10.94 -13.23 19.21
CA SER C 77 10.86 -11.95 19.93
C SER C 77 9.48 -11.30 19.90
N GLU C 78 8.82 -11.34 18.74
CA GLU C 78 7.54 -10.67 18.55
C GLU C 78 6.53 -11.60 17.93
N ASN C 79 5.30 -11.59 18.43
CA ASN C 79 4.39 -12.67 18.13
C ASN C 79 3.35 -12.31 17.09
N GLY C 80 3.78 -12.14 15.86
CA GLY C 80 2.85 -12.05 14.77
C GLY C 80 1.80 -13.16 14.85
N ARG C 81 0.62 -12.80 15.33
CA ARG C 81 -0.61 -13.55 15.00
C ARG C 81 -0.81 -13.83 13.45
N TYR C 82 -2.07 -13.99 13.01
CA TYR C 82 -2.42 -14.23 11.60
C TYR C 82 -1.92 -13.12 10.64
N HIS C 83 -2.17 -11.84 10.96
CA HIS C 83 -1.45 -10.82 10.20
C HIS C 83 -0.10 -10.65 10.87
N LEU C 84 0.92 -11.30 10.30
CA LEU C 84 2.26 -11.24 10.88
C LEU C 84 2.78 -9.78 10.87
N ILE C 85 3.64 -9.42 11.81
CA ILE C 85 3.87 -8.03 12.16
C ILE C 85 5.14 -8.01 13.00
N ALA C 86 5.57 -6.88 13.54
CA ALA C 86 6.68 -6.92 14.51
C ALA C 86 6.47 -6.14 15.83
N GLY C 87 6.97 -6.72 16.90
CA GLY C 87 6.94 -6.16 18.24
C GLY C 87 7.84 -4.95 18.31
N GLU C 88 7.55 -4.06 19.25
CA GLU C 88 7.92 -2.66 18.99
C GLU C 88 9.37 -2.26 19.40
N ARG C 89 9.62 -2.15 20.69
CA ARG C 89 10.92 -1.68 21.13
C ARG C 89 11.82 -2.85 21.45
N ARG C 90 11.45 -3.62 22.48
CA ARG C 90 12.26 -4.75 22.90
C ARG C 90 13.74 -4.37 23.04
N LEU C 91 14.06 -3.38 23.86
CA LEU C 91 15.46 -3.03 24.10
C LEU C 91 16.16 -4.25 24.67
N ARG C 92 15.44 -4.94 25.55
CA ARG C 92 16.02 -5.94 26.42
C ARG C 92 15.72 -7.32 25.88
N ALA C 93 14.46 -7.54 25.51
CA ALA C 93 13.95 -8.88 25.26
C ALA C 93 14.52 -9.57 24.02
N SER C 94 14.91 -8.79 23.02
CA SER C 94 15.44 -9.35 21.78
C SER C 94 16.95 -9.38 21.74
N LYS C 95 17.58 -8.68 22.68
CA LYS C 95 19.04 -8.63 22.76
C LYS C 95 19.65 -9.55 23.84
N LEU C 96 18.83 -10.34 24.52
CA LEU C 96 19.37 -11.39 25.37
C LEU C 96 19.52 -12.61 24.47
N ALA C 97 18.51 -12.79 23.62
CA ALA C 97 18.39 -13.98 22.76
C ALA C 97 18.64 -15.26 23.57
N LYS C 98 18.98 -16.33 22.86
CA LYS C 98 19.48 -17.56 23.47
C LYS C 98 20.37 -18.27 22.46
N MET C 99 21.11 -19.28 22.89
CA MET C 99 21.98 -20.04 22.00
C MET C 99 21.31 -21.22 21.27
N PRO C 100 20.44 -21.99 21.97
CA PRO C 100 19.69 -23.05 21.28
C PRO C 100 18.21 -22.70 20.98
N THR C 101 17.88 -22.35 19.73
CA THR C 101 16.53 -21.86 19.40
C THR C 101 15.55 -22.84 18.76
N ILE C 102 14.26 -22.59 19.01
CA ILE C 102 13.18 -23.20 18.24
C ILE C 102 12.52 -22.12 17.37
N LYS C 103 12.91 -22.09 16.10
CA LYS C 103 12.38 -21.13 15.12
C LYS C 103 11.10 -21.66 14.49
N ALA C 104 10.79 -22.93 14.76
CA ALA C 104 9.61 -23.63 14.23
C ALA C 104 8.38 -22.73 14.07
N ILE C 105 7.86 -22.67 12.84
CA ILE C 105 6.85 -21.69 12.42
C ILE C 105 5.41 -21.93 12.90
N VAL C 106 5.23 -22.96 13.72
CA VAL C 106 3.90 -23.57 13.95
C VAL C 106 2.69 -22.67 14.27
N VAL C 107 1.58 -22.95 13.57
CA VAL C 107 0.31 -22.25 13.79
C VAL C 107 -0.75 -23.13 14.46
N ASP C 108 -1.60 -22.49 15.26
CA ASP C 108 -2.65 -23.11 16.05
C ASP C 108 -3.97 -22.46 15.62
N ILE C 109 -3.84 -21.17 15.28
CA ILE C 109 -4.95 -20.26 15.04
C ILE C 109 -6.13 -20.85 14.29
N GLU C 110 -5.84 -21.60 13.25
CA GLU C 110 -6.88 -22.06 12.32
C GLU C 110 -8.00 -22.83 13.01
N GLN C 111 -7.64 -23.67 13.97
CA GLN C 111 -8.64 -24.36 14.77
C GLN C 111 -9.54 -23.33 15.47
N GLU C 112 -8.94 -22.27 16.00
CA GLU C 112 -9.69 -21.26 16.76
C GLU C 112 -10.58 -20.39 15.90
N LYS C 113 -10.11 -20.02 14.71
CA LYS C 113 -10.90 -19.13 13.84
C LYS C 113 -11.99 -19.92 13.12
N MET C 114 -11.65 -21.13 12.69
CA MET C 114 -12.66 -22.02 12.13
C MET C 114 -13.70 -22.24 13.22
N ARG C 115 -13.22 -22.35 14.45
CA ARG C 115 -14.10 -22.45 15.60
C ARG C 115 -15.02 -21.24 15.63
N GLU C 116 -14.46 -20.03 15.53
CA GLU C 116 -15.25 -18.82 15.67
C GLU C 116 -16.35 -18.73 14.63
N VAL C 117 -16.01 -19.04 13.39
CA VAL C 117 -17.04 -19.00 12.37
C VAL C 117 -18.11 -20.06 12.66
N ALA C 118 -17.68 -21.22 13.18
CA ALA C 118 -18.64 -22.29 13.47
C ALA C 118 -19.58 -21.91 14.60
N LEU C 119 -19.05 -21.17 15.56
CA LEU C 119 -19.77 -20.81 16.75
C LEU C 119 -20.74 -19.67 16.48
N ILE C 120 -20.31 -18.69 15.71
CA ILE C 120 -21.21 -17.61 15.29
C ILE C 120 -22.29 -18.19 14.39
N GLU C 121 -21.89 -18.98 13.39
CA GLU C 121 -22.84 -19.61 12.48
C GLU C 121 -23.84 -20.46 13.25
N ASN C 122 -23.40 -21.01 14.37
CA ASN C 122 -24.33 -21.71 15.26
C ASN C 122 -25.26 -20.74 15.98
N ILE C 123 -24.68 -19.64 16.47
CA ILE C 123 -25.35 -18.68 17.34
C ILE C 123 -26.68 -18.18 16.75
N GLN C 124 -26.74 -18.15 15.42
CA GLN C 124 -27.96 -17.81 14.70
C GLN C 124 -28.57 -19.07 14.12
N ARG C 125 -29.51 -19.65 14.85
CA ARG C 125 -30.17 -20.89 14.43
C ARG C 125 -31.60 -20.93 14.93
N GLU C 126 -32.51 -21.21 14.01
CA GLU C 126 -33.93 -21.25 14.31
C GLU C 126 -34.19 -22.33 15.36
N ASP C 127 -33.49 -23.46 15.19
CA ASP C 127 -33.73 -24.63 16.03
C ASP C 127 -32.68 -24.80 17.15
N LEU C 128 -32.87 -24.06 18.24
CA LEU C 128 -31.95 -24.11 19.35
C LEU C 128 -32.69 -23.97 20.65
N ASN C 129 -32.52 -24.95 21.53
CA ASN C 129 -33.14 -24.83 22.85
C ASN C 129 -32.37 -23.79 23.67
N PRO C 130 -33.08 -23.13 24.60
CA PRO C 130 -32.53 -21.93 25.23
C PRO C 130 -31.10 -22.13 25.72
N LEU C 131 -30.84 -23.31 26.28
CA LEU C 131 -29.59 -23.61 26.95
C LEU C 131 -28.38 -23.85 26.02
N GLU C 132 -28.54 -24.64 24.96
CA GLU C 132 -27.50 -24.75 23.95
C GLU C 132 -27.09 -23.35 23.43
N LEU C 133 -28.09 -22.55 23.05
CA LEU C 133 -27.86 -21.17 22.62
C LEU C 133 -27.00 -20.45 23.65
N ALA C 134 -27.52 -20.37 24.88
CA ALA C 134 -26.79 -19.79 26.01
C ALA C 134 -25.35 -20.27 26.13
N ARG C 135 -25.14 -21.55 25.84
CA ARG C 135 -23.80 -22.12 25.79
C ARG C 135 -22.99 -21.38 24.74
N SER C 136 -23.48 -21.33 23.49
CA SER C 136 -22.71 -20.66 22.43
C SER C 136 -22.46 -19.17 22.68
N TYR C 137 -23.41 -18.51 23.33
CA TYR C 137 -23.23 -17.13 23.74
C TYR C 137 -22.07 -17.07 24.72
N LYS C 138 -22.07 -17.97 25.70
CA LYS C 138 -21.08 -17.95 26.77
C LYS C 138 -19.71 -18.35 26.23
N GLU C 139 -19.71 -19.31 25.32
CA GLU C 139 -18.52 -19.75 24.63
C GLU C 139 -17.86 -18.60 23.91
N LEU C 140 -18.62 -17.87 23.11
CA LEU C 140 -18.05 -16.72 22.40
C LEU C 140 -17.60 -15.62 23.37
N LEU C 141 -18.41 -15.37 24.38
CA LEU C 141 -18.13 -14.29 25.30
C LEU C 141 -16.87 -14.59 26.11
N GLU C 142 -16.56 -15.87 26.26
CA GLU C 142 -15.43 -16.23 27.10
C GLU C 142 -14.16 -16.47 26.28
N SER C 143 -14.31 -17.18 25.18
CA SER C 143 -13.17 -17.55 24.38
C SER C 143 -12.53 -16.32 23.70
N TYR C 144 -13.38 -15.33 23.43
CA TYR C 144 -12.97 -14.08 22.78
C TYR C 144 -13.45 -12.95 23.67
N GLN C 145 -13.08 -11.70 23.39
CA GLN C 145 -13.42 -10.69 24.38
C GLN C 145 -14.64 -9.85 24.02
N MET C 146 -14.89 -9.69 22.72
CA MET C 146 -15.95 -8.80 22.29
C MET C 146 -17.25 -8.98 23.08
N THR C 147 -17.64 -7.91 23.73
CA THR C 147 -18.68 -7.87 24.76
C THR C 147 -20.01 -8.41 24.30
N GLN C 148 -20.92 -8.65 25.25
CA GLN C 148 -22.22 -9.19 24.94
C GLN C 148 -23.10 -8.21 24.14
N GLU C 149 -22.73 -6.94 24.17
CA GLU C 149 -23.46 -5.98 23.37
C GLU C 149 -23.30 -6.30 21.88
N GLU C 150 -22.08 -6.58 21.45
CA GLU C 150 -21.83 -6.81 20.04
C GLU C 150 -22.41 -8.15 19.68
N LEU C 151 -22.32 -9.05 20.65
CA LEU C 151 -22.84 -10.38 20.49
C LEU C 151 -24.28 -10.20 20.09
N SER C 152 -24.98 -9.36 20.85
CA SER C 152 -26.37 -9.06 20.62
C SER C 152 -26.59 -8.41 19.27
N LYS C 153 -25.66 -7.56 18.83
CA LYS C 153 -25.78 -6.95 17.49
C LYS C 153 -25.77 -8.03 16.41
N ILE C 154 -24.89 -9.03 16.54
CA ILE C 154 -24.81 -10.09 15.53
C ILE C 154 -26.12 -10.85 15.42
N VAL C 155 -26.59 -11.32 16.58
CA VAL C 155 -27.75 -12.18 16.70
C VAL C 155 -29.03 -11.33 16.68
N LYS C 156 -28.86 -10.01 16.67
CA LYS C 156 -29.95 -9.07 16.44
C LYS C 156 -30.96 -8.93 17.57
N LYS C 157 -30.51 -9.04 18.82
CA LYS C 157 -31.41 -8.89 19.96
C LYS C 157 -30.81 -7.90 20.95
N SER C 158 -31.53 -7.59 22.02
CA SER C 158 -30.99 -6.59 22.92
C SER C 158 -29.90 -7.24 23.74
N ARG C 159 -29.05 -6.45 24.37
CA ARG C 159 -27.98 -7.06 25.13
C ARG C 159 -28.48 -7.67 26.44
N ALA C 160 -29.50 -7.09 27.05
CA ALA C 160 -30.06 -7.69 28.26
C ALA C 160 -30.68 -9.04 27.93
N HIS C 161 -30.89 -9.29 26.65
CA HIS C 161 -31.38 -10.59 26.24
C HIS C 161 -30.28 -11.64 26.29
N VAL C 162 -29.14 -11.37 25.63
CA VAL C 162 -28.00 -12.29 25.70
C VAL C 162 -27.65 -12.51 27.18
N ALA C 163 -27.66 -11.44 27.95
CA ALA C 163 -27.54 -11.57 29.40
C ALA C 163 -28.48 -12.63 29.97
N ASN C 164 -29.79 -12.48 29.75
CA ASN C 164 -30.73 -13.42 30.38
C ASN C 164 -30.73 -14.85 29.84
N ILE C 165 -30.59 -14.99 28.53
CA ILE C 165 -30.45 -16.33 27.97
C ILE C 165 -29.24 -17.02 28.62
N MET C 166 -28.18 -16.26 28.86
CA MET C 166 -27.03 -16.84 29.53
C MET C 166 -27.18 -17.05 31.05
N ARG C 167 -27.97 -16.25 31.76
CA ARG C 167 -28.17 -16.56 33.17
C ARG C 167 -28.99 -17.82 33.25
N LEU C 168 -29.62 -18.22 32.14
CA LEU C 168 -30.34 -19.48 32.15
C LEU C 168 -29.52 -20.71 32.56
N LEU C 169 -28.21 -20.64 32.36
CA LEU C 169 -27.29 -21.77 32.59
C LEU C 169 -27.05 -22.13 34.05
N THR C 170 -27.25 -21.15 34.93
CA THR C 170 -26.98 -21.34 36.36
C THR C 170 -28.12 -21.99 37.17
N LEU C 171 -29.16 -22.44 36.49
CA LEU C 171 -30.35 -22.89 37.21
C LEU C 171 -30.22 -24.32 37.71
N SER C 172 -31.17 -24.75 38.53
CA SER C 172 -31.22 -26.11 38.99
C SER C 172 -31.44 -27.02 37.80
N SER C 173 -31.24 -28.31 38.00
CA SER C 173 -31.33 -29.27 36.91
C SER C 173 -32.76 -29.73 36.79
N LYS C 174 -33.53 -29.56 37.85
CA LYS C 174 -34.97 -29.80 37.79
C LYS C 174 -35.50 -28.76 36.84
N VAL C 175 -35.04 -27.52 37.01
CA VAL C 175 -35.49 -26.37 36.21
C VAL C 175 -35.09 -26.46 34.73
N GLN C 176 -33.81 -26.75 34.48
CA GLN C 176 -33.37 -26.99 33.11
C GLN C 176 -34.11 -28.16 32.48
N ASN C 177 -34.36 -29.20 33.27
CA ASN C 177 -35.08 -30.34 32.70
C ASN C 177 -36.47 -29.85 32.28
N ALA C 178 -37.13 -29.16 33.20
CA ALA C 178 -38.47 -28.58 32.97
C ALA C 178 -38.51 -27.70 31.71
N LEU C 179 -37.54 -26.81 31.56
CA LEU C 179 -37.41 -25.96 30.38
C LEU C 179 -37.30 -26.82 29.13
N LEU C 180 -36.21 -27.55 28.99
CA LEU C 180 -36.04 -28.45 27.83
C LEU C 180 -37.30 -29.25 27.53
N GLU C 181 -37.96 -29.70 28.58
CA GLU C 181 -39.15 -30.51 28.46
C GLU C 181 -40.35 -29.66 28.11
N GLU C 182 -40.13 -28.34 28.02
CA GLU C 182 -41.19 -27.37 27.70
C GLU C 182 -42.38 -27.36 28.67
N LYS C 183 -42.14 -27.77 29.90
CA LYS C 183 -43.16 -27.73 30.92
C LYS C 183 -43.23 -26.30 31.45
N ILE C 184 -42.08 -25.63 31.42
CA ILE C 184 -41.97 -24.21 31.72
C ILE C 184 -41.30 -23.51 30.54
N THR C 185 -41.28 -22.18 30.56
CA THR C 185 -40.70 -21.42 29.45
C THR C 185 -39.65 -20.41 29.94
N SER C 186 -38.79 -19.94 29.05
CA SER C 186 -37.67 -19.07 29.44
C SER C 186 -38.04 -17.94 30.39
N GLY C 187 -39.27 -17.43 30.31
CA GLY C 187 -39.72 -16.36 31.20
C GLY C 187 -39.71 -16.78 32.65
N HIS C 188 -40.42 -17.87 32.92
CA HIS C 188 -40.41 -18.50 34.24
C HIS C 188 -38.97 -18.73 34.72
N ALA C 189 -38.24 -19.47 33.91
CA ALA C 189 -36.92 -19.93 34.30
C ALA C 189 -36.06 -18.74 34.61
N LYS C 190 -36.35 -17.64 33.95
CA LYS C 190 -35.52 -16.46 34.05
C LYS C 190 -35.86 -15.75 35.34
N VAL C 191 -37.05 -16.00 35.89
CA VAL C 191 -37.31 -15.47 37.25
C VAL C 191 -36.57 -16.27 38.29
N LEU C 192 -36.44 -17.57 38.05
CA LEU C 192 -35.82 -18.46 39.07
C LEU C 192 -34.32 -18.26 39.40
N VAL C 193 -33.58 -17.53 38.58
CA VAL C 193 -32.15 -17.47 38.78
C VAL C 193 -31.74 -16.69 40.04
N GLY C 194 -30.73 -17.20 40.75
CA GLY C 194 -30.28 -16.61 42.01
C GLY C 194 -30.90 -17.15 43.29
N LEU C 195 -31.82 -18.09 43.14
CA LEU C 195 -32.50 -18.68 44.28
C LEU C 195 -31.87 -20.02 44.54
N ASP C 196 -31.73 -20.43 45.80
CA ASP C 196 -31.24 -21.79 46.07
C ASP C 196 -32.06 -22.86 45.35
N GLY C 197 -31.50 -24.07 45.26
CA GLY C 197 -32.18 -25.15 44.57
C GLY C 197 -33.49 -25.54 45.21
N GLU C 198 -33.57 -25.41 46.54
CA GLU C 198 -34.76 -25.79 47.27
C GLU C 198 -35.94 -24.89 46.89
N LYS C 199 -35.70 -23.57 47.00
CA LYS C 199 -36.60 -22.55 46.49
C LYS C 199 -36.92 -22.76 44.99
N GLN C 200 -35.89 -22.98 44.19
CA GLN C 200 -36.12 -23.19 42.78
C GLN C 200 -37.12 -24.30 42.56
N GLU C 201 -36.93 -25.43 43.23
CA GLU C 201 -37.74 -26.60 42.95
C GLU C 201 -39.15 -26.52 43.57
N LEU C 202 -39.32 -25.76 44.66
CA LEU C 202 -40.67 -25.47 45.14
C LEU C 202 -41.41 -24.59 44.12
N ILE C 203 -40.83 -23.44 43.79
CA ILE C 203 -41.50 -22.53 42.86
C ILE C 203 -41.75 -23.22 41.54
N LEU C 204 -40.83 -24.08 41.12
CA LEU C 204 -40.97 -24.81 39.87
C LEU C 204 -42.13 -25.75 40.03
N ASN C 205 -42.28 -26.30 41.23
CA ASN C 205 -43.36 -27.26 41.42
C ASN C 205 -44.71 -26.55 41.38
N SER C 206 -44.73 -25.32 41.89
CA SER C 206 -45.89 -24.45 41.80
C SER C 206 -46.20 -24.06 40.34
N ILE C 207 -45.20 -23.56 39.63
CA ILE C 207 -45.31 -23.19 38.22
C ILE C 207 -45.98 -24.27 37.35
N ILE C 208 -45.88 -25.52 37.78
CA ILE C 208 -46.43 -26.66 37.06
C ILE C 208 -47.50 -27.32 37.91
N GLY C 209 -48.75 -27.26 37.50
CA GLY C 209 -49.80 -27.85 38.32
C GLY C 209 -50.49 -26.83 39.21
N GLN C 210 -49.99 -25.59 39.13
CA GLN C 210 -50.81 -24.44 39.43
C GLN C 210 -51.00 -23.69 38.13
N LYS C 211 -50.53 -24.30 37.04
CA LYS C 211 -50.59 -23.76 35.66
C LYS C 211 -50.16 -22.29 35.49
N LEU C 212 -49.23 -21.84 36.33
CA LEU C 212 -48.89 -20.42 36.43
C LEU C 212 -48.44 -19.78 35.12
N SER C 213 -48.52 -18.45 35.10
CA SER C 213 -48.13 -17.61 33.98
C SER C 213 -46.86 -16.92 34.39
N VAL C 214 -46.08 -16.43 33.43
CA VAL C 214 -44.82 -15.77 33.75
C VAL C 214 -45.03 -14.62 34.72
N ARG C 215 -46.24 -14.10 34.72
CA ARG C 215 -46.55 -12.91 35.51
C ARG C 215 -46.71 -13.33 36.96
N GLN C 216 -47.61 -14.28 37.15
CA GLN C 216 -47.84 -14.91 38.45
C GLN C 216 -46.54 -15.46 39.03
N THR C 217 -45.71 -16.03 38.15
CA THR C 217 -44.41 -16.58 38.54
C THR C 217 -43.47 -15.50 39.06
N GLU C 218 -43.41 -14.37 38.36
CA GLU C 218 -42.58 -13.27 38.85
C GLU C 218 -43.04 -12.74 40.19
N ASP C 219 -44.35 -12.74 40.41
CA ASP C 219 -44.86 -12.25 41.68
C ASP C 219 -44.54 -13.23 42.80
N LEU C 220 -44.77 -14.51 42.53
CA LEU C 220 -44.55 -15.60 43.48
C LEU C 220 -43.09 -15.71 43.87
N ALA C 221 -42.23 -15.52 42.89
CA ALA C 221 -40.80 -15.50 43.13
C ALA C 221 -40.40 -14.24 43.92
N ARG C 222 -41.07 -13.13 43.64
CA ARG C 222 -40.69 -11.84 44.20
C ARG C 222 -40.52 -11.86 45.71
N ASP C 223 -41.38 -12.59 46.39
CA ASP C 223 -41.41 -12.53 47.85
C ASP C 223 -40.51 -13.58 48.44
N PHE C 224 -39.59 -14.09 47.62
CA PHE C 224 -38.62 -15.04 48.10
C PHE C 224 -37.22 -14.49 47.85
N LYS C 225 -37.15 -13.31 47.25
CA LYS C 225 -35.89 -12.60 47.09
C LYS C 225 -35.82 -11.59 48.23
N ILE C 226 -34.61 -11.14 48.55
CA ILE C 226 -34.36 -10.29 49.73
C ILE C 226 -35.03 -8.90 49.77
N ASN C 227 -35.26 -8.40 50.98
CA ASN C 227 -35.72 -7.03 51.22
C ASN C 227 -34.85 -6.28 52.23
N VAL D 51 -8.27 23.44 -27.19
CA VAL D 51 -7.09 23.77 -26.40
C VAL D 51 -6.72 25.25 -26.60
N PHE D 52 -7.20 25.80 -27.71
CA PHE D 52 -7.27 27.25 -27.91
C PHE D 52 -7.75 28.06 -26.68
N SER D 53 -7.06 29.17 -26.40
CA SER D 53 -7.20 29.86 -25.11
C SER D 53 -7.82 31.27 -25.14
N GLU D 54 -8.19 31.77 -26.32
CA GLU D 54 -8.86 33.08 -26.43
C GLU D 54 -10.11 33.07 -25.56
N ASP D 55 -10.91 32.02 -25.72
CA ASP D 55 -11.92 31.68 -24.72
C ASP D 55 -11.66 30.27 -24.17
N SER D 56 -12.15 30.01 -22.96
CA SER D 56 -11.90 28.73 -22.29
C SER D 56 -13.15 27.85 -22.21
N LEU D 57 -14.31 28.47 -22.33
CA LEU D 57 -15.56 27.79 -22.06
C LEU D 57 -16.36 27.31 -23.30
N GLU D 58 -16.06 27.83 -24.49
CA GLU D 58 -16.57 27.24 -25.74
C GLU D 58 -15.89 25.90 -25.92
N GLU D 59 -14.66 25.83 -25.44
CA GLU D 59 -13.80 24.65 -25.58
C GLU D 59 -14.04 23.69 -24.44
N LEU D 60 -14.61 24.20 -23.35
CA LEU D 60 -15.00 23.36 -22.24
C LEU D 60 -16.41 22.80 -22.38
N ALA D 61 -16.96 22.82 -23.59
CA ALA D 61 -18.38 22.50 -23.75
C ALA D 61 -18.78 21.70 -25.02
N GLN D 62 -18.15 21.92 -26.19
CA GLN D 62 -18.43 21.19 -27.42
C GLN D 62 -18.45 19.69 -27.14
N SER D 63 -17.78 19.35 -26.03
CA SER D 63 -17.40 17.99 -25.65
C SER D 63 -18.22 16.85 -26.30
N ILE D 64 -19.53 17.05 -26.37
CA ILE D 64 -20.44 16.19 -27.13
C ILE D 64 -19.87 15.79 -28.50
N LYS D 65 -19.15 16.71 -29.14
CA LYS D 65 -18.33 16.45 -30.33
C LYS D 65 -17.54 15.13 -30.28
N GLU D 66 -17.05 14.78 -29.10
CA GLU D 66 -16.43 13.48 -28.79
C GLU D 66 -15.15 13.10 -29.57
N HIS D 67 -14.56 14.08 -30.28
CA HIS D 67 -13.36 13.86 -31.10
C HIS D 67 -12.03 14.07 -30.36
N GLY D 68 -11.01 13.33 -30.81
CA GLY D 68 -9.66 13.42 -30.25
C GLY D 68 -8.78 14.44 -30.92
N LEU D 69 -8.03 15.18 -30.10
CA LEU D 69 -7.05 16.13 -30.62
C LEU D 69 -5.73 15.40 -30.87
N LEU D 70 -5.69 14.13 -30.44
CA LEU D 70 -4.52 13.26 -30.61
C LEU D 70 -3.28 13.81 -29.88
N GLN D 71 -3.51 14.76 -28.97
CA GLN D 71 -2.47 15.42 -28.20
C GLN D 71 -1.94 14.53 -27.07
N PRO D 72 -0.60 14.45 -26.93
CA PRO D 72 0.12 13.59 -25.96
C PRO D 72 -0.24 13.82 -24.49
N VAL D 73 0.05 12.85 -23.63
CA VAL D 73 -0.42 12.93 -22.24
C VAL D 73 0.58 12.50 -21.15
N LEU D 74 1.70 11.87 -21.53
CA LEU D 74 2.62 11.24 -20.55
C LEU D 74 3.18 12.14 -19.45
N VAL D 75 3.22 13.44 -19.70
CA VAL D 75 3.85 14.40 -18.78
C VAL D 75 3.21 14.38 -17.39
N VAL D 76 1.95 13.99 -17.33
CA VAL D 76 1.19 13.99 -16.09
C VAL D 76 0.11 12.93 -16.23
N SER D 77 -0.29 12.34 -15.11
CA SER D 77 -1.25 11.25 -15.16
C SER D 77 -2.70 11.60 -15.48
N GLU D 78 -3.02 11.59 -16.78
CA GLU D 78 -4.25 10.94 -17.21
C GLU D 78 -3.71 9.78 -18.03
N ASN D 79 -2.82 9.04 -17.40
CA ASN D 79 -2.08 8.04 -18.15
C ASN D 79 -2.92 7.11 -19.00
N GLY D 80 -3.44 7.66 -20.11
CA GLY D 80 -4.25 6.93 -21.07
C GLY D 80 -3.74 5.51 -21.26
N ARG D 81 -2.42 5.37 -21.10
CA ARG D 81 -1.73 4.09 -21.19
C ARG D 81 -1.82 3.58 -22.63
N TYR D 82 -2.01 4.58 -23.48
CA TYR D 82 -1.38 4.68 -24.78
C TYR D 82 -0.69 6.01 -24.72
N HIS D 83 0.47 6.11 -25.36
CA HIS D 83 1.27 7.31 -25.33
C HIS D 83 1.77 7.57 -26.73
N LEU D 84 1.61 8.81 -27.19
CA LEU D 84 2.05 9.16 -28.53
C LEU D 84 2.98 10.37 -28.50
N ILE D 85 4.20 10.19 -28.98
CA ILE D 85 5.14 11.28 -29.14
C ILE D 85 4.57 12.21 -30.25
N ALA D 86 3.87 11.57 -31.19
CA ALA D 86 3.19 12.21 -32.34
C ALA D 86 4.07 13.27 -33.06
N GLY D 87 3.51 14.46 -33.27
CA GLY D 87 4.22 15.50 -34.00
C GLY D 87 5.16 16.29 -33.12
N GLU D 88 4.71 16.57 -31.89
CA GLU D 88 5.49 17.36 -30.95
C GLU D 88 4.86 17.46 -29.55
N ARG D 89 5.71 17.78 -28.58
CA ARG D 89 5.29 18.21 -27.26
C ARG D 89 5.91 19.60 -26.99
N ARG D 90 5.10 20.51 -26.46
CA ARG D 90 5.59 21.79 -25.98
C ARG D 90 5.01 21.99 -24.58
N LEU D 91 5.87 21.95 -23.57
CA LEU D 91 5.44 21.88 -22.17
C LEU D 91 4.45 22.99 -21.79
N ARG D 92 4.70 24.21 -22.25
CA ARG D 92 3.88 25.36 -21.88
C ARG D 92 2.41 25.20 -22.27
N ALA D 93 2.15 24.98 -23.55
CA ALA D 93 0.78 24.85 -24.08
C ALA D 93 -0.06 23.75 -23.43
N SER D 94 0.59 22.78 -22.80
CA SER D 94 -0.10 21.70 -22.12
C SER D 94 0.03 21.76 -20.59
N LYS D 95 0.73 22.76 -20.08
CA LYS D 95 0.89 22.93 -18.63
C LYS D 95 0.15 24.15 -18.13
N LEU D 96 -0.62 24.78 -19.02
CA LEU D 96 -1.48 25.90 -18.66
C LEU D 96 -2.96 25.56 -18.77
N ALA D 97 -3.26 24.40 -19.36
CA ALA D 97 -4.63 23.91 -19.45
C ALA D 97 -4.76 22.57 -18.72
N LYS D 98 -5.52 22.59 -17.62
CA LYS D 98 -5.44 21.55 -16.54
C LYS D 98 -6.31 20.27 -16.68
N MET D 99 -7.53 20.53 -17.19
CA MET D 99 -8.77 19.75 -17.10
C MET D 99 -8.67 18.21 -16.92
N PRO D 100 -9.80 17.58 -16.49
CA PRO D 100 -9.91 16.14 -16.17
C PRO D 100 -9.51 15.17 -17.24
N THR D 101 -9.61 15.62 -18.49
CA THR D 101 -9.19 14.85 -19.61
C THR D 101 -10.08 13.60 -19.77
N ILE D 102 -11.41 13.83 -19.73
CA ILE D 102 -12.37 13.05 -20.59
C ILE D 102 -11.72 13.08 -21.99
N LYS D 103 -10.64 12.31 -22.13
CA LYS D 103 -9.61 12.63 -23.12
C LYS D 103 -10.22 12.69 -24.47
N ALA D 104 -9.93 13.79 -25.16
CA ALA D 104 -10.47 14.06 -26.48
C ALA D 104 -10.52 12.74 -27.27
N ILE D 105 -9.48 11.92 -27.10
CA ILE D 105 -9.44 10.60 -27.72
C ILE D 105 -10.14 9.46 -26.92
N VAL D 106 -10.16 9.54 -25.59
CA VAL D 106 -10.85 8.49 -24.80
C VAL D 106 -12.26 8.85 -24.32
N VAL D 107 -13.15 7.86 -24.36
CA VAL D 107 -14.52 8.05 -23.95
C VAL D 107 -14.63 7.75 -22.45
N ASP D 108 -15.20 8.68 -21.70
CA ASP D 108 -15.24 8.62 -20.24
C ASP D 108 -15.79 7.31 -19.68
N ILE D 109 -16.67 6.65 -20.45
CA ILE D 109 -17.17 5.34 -20.02
C ILE D 109 -16.16 4.24 -20.34
N GLU D 110 -16.11 3.24 -19.46
CA GLU D 110 -15.20 2.11 -19.58
C GLU D 110 -15.84 0.95 -20.30
N GLN D 111 -17.07 1.13 -20.77
CA GLN D 111 -17.90 0.07 -21.35
C GLN D 111 -17.08 -0.81 -22.28
N GLU D 112 -16.01 -0.22 -22.79
CA GLU D 112 -14.93 -0.91 -23.49
C GLU D 112 -14.43 -2.14 -22.72
N LYS D 113 -14.43 -2.08 -21.38
CA LYS D 113 -13.98 -3.20 -20.56
C LYS D 113 -14.90 -4.41 -20.70
N MET D 114 -16.20 -4.15 -20.54
CA MET D 114 -17.20 -5.19 -20.60
C MET D 114 -17.31 -5.70 -22.03
N ARG D 115 -17.00 -4.83 -22.99
CA ARG D 115 -16.99 -5.20 -24.41
C ARG D 115 -15.79 -6.10 -24.73
N GLU D 116 -14.68 -5.84 -24.06
CA GLU D 116 -13.47 -6.62 -24.28
C GLU D 116 -13.63 -8.00 -23.69
N VAL D 117 -14.21 -8.07 -22.49
CA VAL D 117 -14.46 -9.38 -21.89
C VAL D 117 -15.52 -10.14 -22.69
N ALA D 118 -16.45 -9.40 -23.27
CA ALA D 118 -17.51 -9.97 -24.07
C ALA D 118 -16.87 -10.63 -25.26
N LEU D 119 -16.03 -9.87 -25.94
CA LEU D 119 -15.42 -10.35 -27.17
C LEU D 119 -14.44 -11.48 -26.89
N ILE D 120 -13.81 -11.48 -25.72
CA ILE D 120 -12.82 -12.51 -25.36
C ILE D 120 -13.49 -13.82 -24.92
N GLU D 121 -14.68 -13.70 -24.35
CA GLU D 121 -15.52 -14.85 -24.13
C GLU D 121 -15.95 -15.36 -25.49
N ASN D 122 -16.17 -14.42 -26.42
CA ASN D 122 -16.67 -14.73 -27.74
C ASN D 122 -15.68 -15.48 -28.65
N ILE D 123 -14.39 -15.15 -28.56
CA ILE D 123 -13.37 -15.76 -29.44
C ILE D 123 -13.14 -17.25 -29.14
N GLN D 124 -13.17 -17.61 -27.87
CA GLN D 124 -13.10 -19.02 -27.52
C GLN D 124 -14.51 -19.59 -27.40
N ARG D 125 -14.82 -20.54 -28.29
CA ARG D 125 -16.06 -21.29 -28.21
C ARG D 125 -15.89 -22.68 -28.78
N GLU D 126 -16.68 -23.62 -28.26
CA GLU D 126 -16.71 -24.99 -28.74
C GLU D 126 -17.12 -25.10 -30.21
N ASP D 127 -17.69 -24.03 -30.76
CA ASP D 127 -18.26 -24.05 -32.12
C ASP D 127 -17.35 -24.62 -33.21
N LEU D 128 -17.98 -25.16 -34.25
CA LEU D 128 -17.25 -25.79 -35.34
C LEU D 128 -16.72 -24.72 -36.29
N ASN D 129 -17.52 -23.66 -36.47
CA ASN D 129 -17.34 -22.70 -37.57
C ASN D 129 -16.01 -21.96 -37.58
N PRO D 130 -15.20 -22.22 -38.61
CA PRO D 130 -13.88 -21.59 -38.80
C PRO D 130 -13.99 -20.09 -39.00
N LEU D 131 -14.94 -19.68 -39.83
CA LEU D 131 -15.08 -18.28 -40.19
C LEU D 131 -15.50 -17.40 -39.02
N GLU D 132 -16.48 -17.83 -38.22
CA GLU D 132 -16.83 -17.12 -36.98
C GLU D 132 -15.62 -16.96 -36.02
N LEU D 133 -14.84 -18.02 -35.91
CA LEU D 133 -13.57 -17.95 -35.21
C LEU D 133 -12.72 -16.81 -35.79
N ALA D 134 -12.45 -16.89 -37.09
CA ALA D 134 -11.64 -15.92 -37.81
C ALA D 134 -12.04 -14.47 -37.49
N ARG D 135 -13.33 -14.19 -37.64
CA ARG D 135 -13.90 -12.87 -37.38
C ARG D 135 -13.55 -12.48 -35.95
N SER D 136 -13.92 -13.31 -34.99
CA SER D 136 -13.55 -13.07 -33.59
C SER D 136 -12.05 -12.76 -33.35
N TYR D 137 -11.15 -13.49 -34.01
CA TYR D 137 -9.73 -13.21 -33.84
C TYR D 137 -9.39 -11.83 -34.40
N LYS D 138 -9.90 -11.55 -35.60
CA LYS D 138 -9.53 -10.33 -36.29
C LYS D 138 -10.02 -9.10 -35.52
N GLU D 139 -11.24 -9.16 -35.01
CA GLU D 139 -11.73 -8.09 -34.16
C GLU D 139 -10.78 -8.00 -32.98
N LEU D 140 -10.53 -9.17 -32.42
CA LEU D 140 -9.61 -9.30 -31.30
C LEU D 140 -8.23 -8.70 -31.51
N LEU D 141 -7.83 -8.48 -32.75
CA LEU D 141 -6.57 -7.80 -32.95
C LEU D 141 -6.82 -6.32 -33.12
N GLU D 142 -7.78 -6.01 -33.98
CA GLU D 142 -7.98 -4.64 -34.42
C GLU D 142 -8.49 -3.65 -33.39
N SER D 143 -9.28 -4.06 -32.41
CA SER D 143 -9.70 -3.02 -31.47
C SER D 143 -8.69 -2.71 -30.37
N TYR D 144 -7.88 -3.71 -30.01
CA TYR D 144 -7.06 -3.60 -28.81
C TYR D 144 -5.58 -3.54 -29.14
N GLN D 145 -5.26 -3.69 -30.43
CA GLN D 145 -3.88 -3.68 -30.92
C GLN D 145 -2.97 -4.64 -30.16
N MET D 146 -3.51 -5.79 -29.77
CA MET D 146 -2.75 -6.79 -29.03
C MET D 146 -2.13 -7.78 -30.02
N THR D 147 -0.87 -8.14 -29.79
CA THR D 147 -0.10 -8.90 -30.78
C THR D 147 -0.74 -10.25 -31.05
N GLN D 148 -0.34 -10.88 -32.15
CA GLN D 148 -0.87 -12.20 -32.49
C GLN D 148 -0.47 -13.25 -31.47
N GLU D 149 0.68 -13.07 -30.83
CA GLU D 149 1.15 -14.04 -29.84
C GLU D 149 0.29 -14.10 -28.57
N GLU D 150 -0.10 -12.95 -28.03
CA GLU D 150 -0.91 -12.95 -26.81
C GLU D 150 -2.24 -13.63 -27.12
N LEU D 151 -2.76 -13.33 -28.31
CA LEU D 151 -3.99 -13.93 -28.80
C LEU D 151 -3.79 -15.43 -28.84
N SER D 152 -2.60 -15.84 -29.29
CA SER D 152 -2.23 -17.24 -29.40
C SER D 152 -2.27 -17.92 -28.06
N LYS D 153 -1.82 -17.18 -27.04
CA LYS D 153 -1.80 -17.66 -25.67
C LYS D 153 -3.21 -17.86 -25.12
N ILE D 154 -4.11 -16.92 -25.39
CA ILE D 154 -5.48 -17.04 -24.90
C ILE D 154 -6.26 -18.20 -25.54
N VAL D 155 -6.04 -18.44 -26.83
CA VAL D 155 -6.72 -19.54 -27.51
C VAL D 155 -5.95 -20.84 -27.35
N LYS D 156 -4.75 -20.74 -26.77
CA LYS D 156 -3.87 -21.90 -26.58
C LYS D 156 -3.50 -22.53 -27.91
N LYS D 157 -3.06 -21.70 -28.85
CA LYS D 157 -2.61 -22.20 -30.14
C LYS D 157 -1.51 -21.35 -30.72
N SER D 158 -0.80 -21.89 -31.70
CA SER D 158 0.39 -21.21 -32.22
C SER D 158 0.03 -19.87 -32.84
N ARG D 159 1.06 -19.07 -33.09
CA ARG D 159 0.89 -17.76 -33.70
C ARG D 159 0.31 -17.96 -35.08
N ALA D 160 1.10 -18.50 -36.00
CA ALA D 160 0.67 -18.68 -37.38
C ALA D 160 -0.63 -19.47 -37.55
N HIS D 161 -1.12 -20.09 -36.49
CA HIS D 161 -2.43 -20.70 -36.57
C HIS D 161 -3.55 -19.66 -36.46
N VAL D 162 -3.36 -18.68 -35.59
CA VAL D 162 -4.27 -17.54 -35.54
C VAL D 162 -4.20 -16.79 -36.86
N ALA D 163 -2.99 -16.41 -37.25
CA ALA D 163 -2.71 -15.86 -38.58
C ALA D 163 -3.53 -16.55 -39.66
N ASN D 164 -3.33 -17.86 -39.82
CA ASN D 164 -4.01 -18.62 -40.87
C ASN D 164 -5.52 -18.69 -40.74
N ILE D 165 -6.03 -18.78 -39.52
CA ILE D 165 -7.47 -18.78 -39.34
C ILE D 165 -8.02 -17.44 -39.83
N MET D 166 -7.36 -16.33 -39.50
CA MET D 166 -7.82 -15.05 -40.04
C MET D 166 -7.66 -14.94 -41.55
N ARG D 167 -6.50 -15.33 -42.07
CA ARG D 167 -6.25 -15.29 -43.51
C ARG D 167 -7.36 -16.03 -44.23
N LEU D 168 -7.98 -16.99 -43.55
CA LEU D 168 -9.14 -17.64 -44.11
C LEU D 168 -10.25 -16.68 -44.59
N LEU D 169 -10.32 -15.50 -43.98
CA LEU D 169 -11.42 -14.55 -44.24
C LEU D 169 -11.36 -13.82 -45.56
N THR D 170 -10.38 -14.13 -46.39
CA THR D 170 -10.17 -13.38 -47.63
C THR D 170 -10.56 -14.21 -48.85
N LEU D 171 -11.35 -15.25 -48.64
CA LEU D 171 -11.59 -16.20 -49.70
C LEU D 171 -12.92 -15.98 -50.41
N SER D 172 -13.03 -16.49 -51.64
CA SER D 172 -14.28 -16.40 -52.41
C SER D 172 -15.47 -16.84 -51.58
N SER D 173 -16.63 -16.31 -51.94
CA SER D 173 -17.88 -16.68 -51.31
C SER D 173 -18.10 -18.16 -51.53
N LYS D 174 -17.65 -18.66 -52.68
CA LYS D 174 -17.85 -20.06 -52.98
C LYS D 174 -17.06 -20.90 -52.01
N VAL D 175 -15.82 -20.48 -51.76
CA VAL D 175 -14.90 -21.21 -50.91
C VAL D 175 -15.38 -21.14 -49.46
N GLN D 176 -15.80 -19.97 -49.01
CA GLN D 176 -16.31 -19.85 -47.64
C GLN D 176 -17.57 -20.67 -47.48
N ASN D 177 -18.25 -20.85 -48.59
CA ASN D 177 -19.47 -21.61 -48.60
C ASN D 177 -19.12 -23.07 -48.35
N ALA D 178 -18.16 -23.58 -49.12
CA ALA D 178 -17.75 -24.98 -48.99
C ALA D 178 -17.17 -25.28 -47.59
N LEU D 179 -16.36 -24.35 -47.10
CA LEU D 179 -15.83 -24.39 -45.76
C LEU D 179 -16.94 -24.47 -44.70
N LEU D 180 -18.04 -23.77 -44.92
CA LEU D 180 -19.15 -23.88 -43.95
C LEU D 180 -19.97 -25.16 -44.19
N GLU D 181 -19.89 -25.70 -45.40
CA GLU D 181 -20.70 -26.84 -45.80
C GLU D 181 -19.95 -28.15 -45.61
N GLU D 182 -18.79 -28.07 -44.97
CA GLU D 182 -17.97 -29.26 -44.70
C GLU D 182 -17.56 -29.95 -46.01
N LYS D 183 -17.71 -29.25 -47.13
CA LYS D 183 -17.32 -29.80 -48.41
C LYS D 183 -15.84 -29.62 -48.66
N ILE D 184 -15.21 -28.73 -47.88
CA ILE D 184 -13.75 -28.64 -47.82
C ILE D 184 -13.34 -28.39 -46.37
N THR D 185 -12.04 -28.32 -46.11
CA THR D 185 -11.56 -28.23 -44.74
C THR D 185 -10.61 -27.05 -44.61
N SER D 186 -10.42 -26.56 -43.40
CA SER D 186 -9.56 -25.42 -43.21
C SER D 186 -8.14 -25.54 -43.82
N GLY D 187 -7.72 -26.75 -44.17
CA GLY D 187 -6.43 -26.92 -44.81
C GLY D 187 -6.53 -26.58 -46.28
N HIS D 188 -7.50 -27.22 -46.93
CA HIS D 188 -7.84 -26.94 -48.30
C HIS D 188 -7.97 -25.43 -48.50
N ALA D 189 -8.89 -24.83 -47.74
CA ALA D 189 -9.11 -23.40 -47.81
C ALA D 189 -7.85 -22.58 -47.53
N LYS D 190 -7.17 -22.88 -46.44
CA LYS D 190 -5.90 -22.20 -46.14
C LYS D 190 -4.94 -22.17 -47.34
N VAL D 191 -5.03 -23.15 -48.26
CA VAL D 191 -4.11 -23.10 -49.42
C VAL D 191 -4.52 -22.17 -50.55
N LEU D 192 -5.81 -21.86 -50.64
CA LEU D 192 -6.38 -21.04 -51.74
C LEU D 192 -6.23 -19.53 -51.53
N VAL D 193 -5.83 -19.14 -50.32
CA VAL D 193 -5.55 -17.75 -50.00
C VAL D 193 -4.51 -17.18 -50.94
N GLY D 194 -4.85 -16.07 -51.60
CA GLY D 194 -3.94 -15.40 -52.50
C GLY D 194 -4.16 -15.69 -53.97
N LEU D 195 -5.23 -16.41 -54.29
CA LEU D 195 -5.58 -16.65 -55.68
C LEU D 195 -6.85 -15.85 -56.07
N ASP D 196 -6.94 -15.43 -57.33
CA ASP D 196 -8.16 -14.81 -57.83
C ASP D 196 -9.32 -15.78 -57.71
N GLY D 197 -10.50 -15.26 -57.44
CA GLY D 197 -11.67 -16.09 -57.24
C GLY D 197 -11.94 -17.08 -58.35
N GLU D 198 -11.42 -16.83 -59.55
CA GLU D 198 -11.64 -17.78 -60.64
C GLU D 198 -10.69 -18.96 -60.52
N LYS D 199 -9.45 -18.67 -60.15
CA LYS D 199 -8.50 -19.70 -59.78
C LYS D 199 -9.15 -20.49 -58.66
N GLN D 200 -9.52 -19.78 -57.60
CA GLN D 200 -10.06 -20.41 -56.41
C GLN D 200 -11.22 -21.30 -56.76
N GLU D 201 -12.06 -20.87 -57.69
CA GLU D 201 -13.25 -21.62 -57.98
C GLU D 201 -12.88 -22.88 -58.76
N LEU D 202 -11.87 -22.75 -59.62
CA LEU D 202 -11.48 -23.87 -60.46
C LEU D 202 -10.86 -24.95 -59.61
N ILE D 203 -9.91 -24.52 -58.78
CA ILE D 203 -9.22 -25.41 -57.86
C ILE D 203 -10.24 -26.04 -56.93
N LEU D 204 -11.13 -25.23 -56.37
CA LEU D 204 -12.15 -25.70 -55.43
C LEU D 204 -12.98 -26.80 -56.05
N ASN D 205 -13.36 -26.60 -57.30
CA ASN D 205 -14.21 -27.56 -57.95
C ASN D 205 -13.44 -28.82 -58.18
N SER D 206 -12.13 -28.68 -58.37
CA SER D 206 -11.24 -29.85 -58.43
C SER D 206 -11.25 -30.60 -57.10
N ILE D 207 -10.89 -29.90 -56.03
CA ILE D 207 -10.90 -30.44 -54.69
C ILE D 207 -12.17 -31.19 -54.38
N ILE D 208 -13.30 -30.71 -54.89
CA ILE D 208 -14.58 -31.32 -54.57
C ILE D 208 -14.90 -32.51 -55.49
N GLY D 209 -14.55 -32.41 -56.76
CA GLY D 209 -14.87 -33.49 -57.68
C GLY D 209 -13.83 -34.59 -57.79
N GLN D 210 -12.61 -34.32 -57.35
CA GLN D 210 -11.54 -35.29 -57.43
C GLN D 210 -11.28 -35.81 -56.04
N LYS D 211 -12.09 -35.36 -55.09
CA LYS D 211 -11.94 -35.71 -53.66
C LYS D 211 -10.53 -35.49 -53.14
N LEU D 212 -9.95 -34.34 -53.46
CA LEU D 212 -8.56 -34.04 -53.15
C LEU D 212 -8.25 -33.91 -51.67
N SER D 213 -7.04 -34.29 -51.31
CA SER D 213 -6.56 -34.17 -49.94
C SER D 213 -5.91 -32.82 -49.83
N VAL D 214 -5.65 -32.41 -48.60
CA VAL D 214 -4.96 -31.17 -48.38
C VAL D 214 -3.65 -31.24 -49.12
N ARG D 215 -3.08 -32.44 -49.17
CA ARG D 215 -1.78 -32.64 -49.80
C ARG D 215 -1.79 -32.33 -51.28
N GLN D 216 -2.57 -33.08 -52.04
CA GLN D 216 -2.73 -32.84 -53.47
C GLN D 216 -3.27 -31.44 -53.77
N THR D 217 -4.08 -30.92 -52.84
CA THR D 217 -4.56 -29.55 -52.96
C THR D 217 -3.39 -28.59 -52.89
N GLU D 218 -2.48 -28.77 -51.94
CA GLU D 218 -1.30 -27.90 -51.83
C GLU D 218 -0.47 -27.96 -53.10
N ASP D 219 -0.18 -29.17 -53.56
CA ASP D 219 0.65 -29.34 -54.77
C ASP D 219 0.03 -28.71 -56.01
N LEU D 220 -1.27 -28.96 -56.19
CA LEU D 220 -2.05 -28.40 -57.30
C LEU D 220 -2.06 -26.88 -57.23
N ALA D 221 -2.30 -26.39 -56.02
CA ALA D 221 -2.33 -24.98 -55.72
C ALA D 221 -1.00 -24.34 -56.09
N ARG D 222 0.08 -25.12 -56.04
CA ARG D 222 1.39 -24.53 -56.26
C ARG D 222 1.62 -24.04 -57.68
N ASP D 223 1.09 -24.77 -58.65
CA ASP D 223 1.41 -24.50 -60.05
C ASP D 223 0.61 -23.32 -60.62
N PHE D 224 -0.27 -22.76 -59.79
CA PHE D 224 -1.01 -21.55 -60.13
C PHE D 224 -0.59 -20.40 -59.23
N LYS D 225 0.54 -20.57 -58.56
CA LYS D 225 1.14 -19.50 -57.78
C LYS D 225 2.39 -19.03 -58.52
N ILE D 226 2.91 -17.87 -58.15
CA ILE D 226 3.99 -17.23 -58.90
C ILE D 226 5.22 -18.10 -59.15
S SO4 I . 21.06 32.38 38.28
O1 SO4 I . 21.57 31.01 38.19
O2 SO4 I . 19.84 32.37 39.10
O3 SO4 I . 22.04 33.25 38.90
O4 SO4 I . 20.75 32.88 36.95
S SO4 J . 4.96 2.05 12.65
O1 SO4 J . 5.00 0.60 12.52
O2 SO4 J . 3.64 2.44 13.15
O3 SO4 J . 5.95 2.49 13.60
O4 SO4 J . 5.21 2.68 11.34
S SO4 K . 42.54 29.54 -21.80
O1 SO4 K . 42.30 28.90 -20.51
O2 SO4 K . 41.30 30.14 -22.31
O3 SO4 K . 43.57 30.56 -21.66
O4 SO4 K . 43.00 28.53 -22.75
S SO4 L . -31.61 -15.47 16.53
O1 SO4 L . -31.51 -15.32 17.98
O2 SO4 L . -32.97 -15.84 16.17
O3 SO4 L . -31.26 -14.21 15.88
O4 SO4 L . -30.69 -16.50 16.08
S SO4 M . -10.19 14.11 -11.97
O1 SO4 M . -9.13 13.38 -11.27
O2 SO4 M . -11.41 13.31 -11.96
O3 SO4 M . -10.41 15.36 -11.24
O4 SO4 M . -9.81 14.41 -13.35
S SO4 N . 11.33 15.64 50.13
O1 SO4 N . 11.58 14.90 51.36
O2 SO4 N . 10.17 15.07 49.46
O3 SO4 N . 11.06 17.05 50.45
O4 SO4 N . 12.49 15.55 49.26
#